data_7LK1
#
_entry.id   7LK1
#
_cell.length_a   115.650
_cell.length_b   115.650
_cell.length_c   186.690
_cell.angle_alpha   90.000
_cell.angle_beta   90.000
_cell.angle_gamma   120.000
#
_symmetry.space_group_name_H-M   'P 32 2 1'
#
loop_
_entity.id
_entity.type
_entity.pdbx_description
1 polymer 'Ornithine aminotransferase, mitochondrial'
2 non-polymer '(1R,4R)-4-fluoro-3-[({3-hydroxy-2-methyl-5-[(phosphonooxy)methyl]pyridin-4-yl}methyl)amino]cyclopent-2-ene-1-carboxylic acid'
3 water water
#
_entity_poly.entity_id   1
_entity_poly.type   'polypeptide(L)'
_entity_poly.pdbx_seq_one_letter_code
;GPPTSDDIFEREYKYGAHNYHPLPVALERGKGIYLWDVEGRKYFDFLSSYSAVNQGHCHPKIVNALKSQVDKLTLTSRAF
YNNVLGEYEEYITKLFNYHKVLPMNTGVEAGETACKLARKWGYTVKGIQKYKAKIVFAAGNFWGRTLSAISSSTDPTSYD
GFGPFMPGFDIIPYNDLPALERALQDPNVAAFMVEPIQGEAGVVVPDPGYLMGVRELCTRHQVLFIADEIQTGLARTGRW
LAVDYENVRPDIVLLGKALSGGLYPVSAVLCDDDIMLTIKPGEHGSTYGGNPLGCRVAIAALEVLEEENLAENADKLGII
LRNELMKLPSDVVTAVRGKGLLNAIVIKETKDWDAWKVCLRLRDNGLLAKPTHGDIIRFAPPLVIKEDELRESIEIINKT
ILSF
;
_entity_poly.pdbx_strand_id   A,B,C
#
loop_
_chem_comp.id
_chem_comp.type
_chem_comp.name
_chem_comp.formula
Y37 non-polymer '(1R,4R)-4-fluoro-3-[({3-hydroxy-2-methyl-5-[(phosphonooxy)methyl]pyridin-4-yl}methyl)amino]cyclopent-2-ene-1-carboxylic acid' 'C14 H18 F N2 O7 P'
#
# COMPACT_ATOMS: atom_id res chain seq x y z
N GLY A 1 11.27 48.37 -4.18
CA GLY A 1 9.99 47.93 -4.68
C GLY A 1 9.30 46.91 -3.77
N PRO A 2 7.98 46.79 -3.89
CA PRO A 2 7.24 45.85 -3.06
C PRO A 2 7.44 44.41 -3.54
N PRO A 3 7.22 43.42 -2.68
CA PRO A 3 7.58 42.05 -3.05
C PRO A 3 6.75 41.50 -4.19
N THR A 4 7.41 40.76 -5.08
CA THR A 4 6.72 40.03 -6.13
C THR A 4 6.06 38.78 -5.57
N SER A 5 5.33 38.07 -6.42
CA SER A 5 4.75 36.79 -6.03
C SER A 5 5.82 35.84 -5.50
N ASP A 6 6.93 35.73 -6.22
CA ASP A 6 7.96 34.77 -5.85
C ASP A 6 8.63 35.16 -4.53
N ASP A 7 8.82 36.46 -4.29
CA ASP A 7 9.31 36.90 -2.99
C ASP A 7 8.36 36.46 -1.88
N ILE A 8 7.05 36.58 -2.12
CA ILE A 8 6.06 36.19 -1.11
C ILE A 8 6.16 34.71 -0.80
N PHE A 9 6.22 33.88 -1.85
CA PHE A 9 6.38 32.44 -1.65
C PHE A 9 7.64 32.13 -0.85
N GLU A 10 8.77 32.71 -1.26
CA GLU A 10 10.05 32.40 -0.62
C GLU A 10 10.06 32.82 0.84
N ARG A 11 9.48 33.98 1.14
CA ARG A 11 9.46 34.47 2.51
C ARG A 11 8.62 33.55 3.40
N GLU A 12 7.44 33.16 2.92
CA GLU A 12 6.63 32.21 3.70
C GLU A 12 7.37 30.89 3.89
N TYR A 13 8.08 30.43 2.86
CA TYR A 13 8.85 29.20 2.98
C TYR A 13 9.89 29.29 4.07
N LYS A 14 10.53 30.45 4.22
CA LYS A 14 11.60 30.55 5.20
C LYS A 14 11.08 30.73 6.62
N TYR A 15 10.02 31.53 6.80
CA TYR A 15 9.61 31.91 8.15
C TYR A 15 8.32 31.25 8.63
N GLY A 16 7.60 30.56 7.75
CA GLY A 16 6.34 29.95 8.15
C GLY A 16 6.38 28.43 8.15
N ALA A 17 5.49 27.82 8.90
CA ALA A 17 5.37 26.37 8.91
C ALA A 17 4.99 25.89 7.51
N HIS A 18 5.38 24.64 7.20
CA HIS A 18 5.08 24.03 5.92
C HIS A 18 3.86 23.12 5.99
N ASN A 19 2.79 23.53 6.67
CA ASN A 19 1.60 22.69 6.78
C ASN A 19 0.64 22.84 5.60
N TYR A 20 0.99 23.68 4.62
CA TYR A 20 0.18 23.86 3.43
C TYR A 20 1.08 23.89 2.20
N HIS A 21 0.56 23.45 1.07
CA HIS A 21 1.17 23.69 -0.24
C HIS A 21 0.12 24.40 -1.08
N PRO A 22 0.09 25.73 -1.03
CA PRO A 22 -0.96 26.46 -1.73
C PRO A 22 -0.70 26.54 -3.22
N LEU A 23 -1.76 26.93 -3.94
CA LEU A 23 -1.61 27.22 -5.36
C LEU A 23 -0.73 28.46 -5.52
N PRO A 24 0.32 28.41 -6.34
CA PRO A 24 1.23 29.56 -6.44
C PRO A 24 0.54 30.79 -7.00
N VAL A 25 -0.15 31.53 -6.14
CA VAL A 25 -0.73 32.81 -6.48
C VAL A 25 -0.78 33.67 -5.22
N ALA A 26 -0.37 34.93 -5.35
CA ALA A 26 -0.15 35.81 -4.19
C ALA A 26 -1.15 36.95 -4.25
N LEU A 27 -2.31 36.77 -3.61
CA LEU A 27 -3.44 37.70 -3.74
C LEU A 27 -3.33 38.90 -2.83
N GLU A 28 -3.93 40.01 -3.27
CA GLU A 28 -3.85 41.26 -2.54
C GLU A 28 -5.13 41.98 -2.25
N ARG A 29 -6.03 41.98 -3.19
CA ARG A 29 -7.30 42.59 -2.90
C ARG A 29 -8.36 41.60 -3.26
N GLY A 30 -9.46 41.68 -2.56
CA GLY A 30 -10.63 40.95 -2.92
C GLY A 30 -11.79 41.90 -2.81
N LYS A 31 -12.66 41.86 -3.81
CA LYS A 31 -13.91 42.58 -3.74
C LYS A 31 -14.96 41.76 -4.49
N GLY A 32 -16.06 41.47 -3.81
CA GLY A 32 -17.10 40.67 -4.40
C GLY A 32 -16.54 39.33 -4.86
N ILE A 33 -16.71 39.04 -6.16
CA ILE A 33 -16.28 37.77 -6.71
C ILE A 33 -14.83 37.76 -7.15
N TYR A 34 -14.10 38.87 -6.99
CA TYR A 34 -12.81 39.03 -7.64
C TYR A 34 -11.66 39.13 -6.64
N LEU A 35 -10.49 38.65 -7.09
CA LEU A 35 -9.23 38.75 -6.36
C LEU A 35 -8.12 39.24 -7.28
N TRP A 36 -7.26 40.10 -6.76
CA TRP A 36 -6.11 40.64 -7.47
C TRP A 36 -4.83 40.24 -6.75
N ASP A 37 -3.85 39.75 -7.52
CA ASP A 37 -2.54 39.40 -7.00
C ASP A 37 -1.63 40.64 -6.98
N VAL A 38 -0.39 40.46 -6.49
CA VAL A 38 0.50 41.61 -6.30
C VAL A 38 1.00 42.17 -7.63
N GLU A 39 0.89 41.42 -8.73
CA GLU A 39 1.23 41.94 -10.04
C GLU A 39 0.09 42.69 -10.71
N GLY A 40 -1.09 42.69 -10.11
CA GLY A 40 -2.24 43.38 -10.66
C GLY A 40 -3.23 42.50 -11.39
N ARG A 41 -2.89 41.23 -11.64
CA ARG A 41 -3.76 40.34 -12.38
C ARG A 41 -5.07 40.10 -11.62
N LYS A 42 -6.15 39.92 -12.37
CA LYS A 42 -7.50 39.81 -11.82
C LYS A 42 -8.03 38.39 -12.04
N TYR A 43 -8.75 37.87 -11.05
CA TYR A 43 -9.24 36.50 -11.08
C TYR A 43 -10.64 36.43 -10.49
N PHE A 44 -11.42 35.48 -11.03
CA PHE A 44 -12.62 35.01 -10.35
C PHE A 44 -12.22 34.08 -9.21
N ASP A 45 -12.81 34.29 -8.03
CA ASP A 45 -12.61 33.42 -6.89
C ASP A 45 -13.63 32.29 -6.96
N PHE A 46 -13.20 31.10 -7.33
CA PHE A 46 -14.08 29.95 -7.36
C PHE A 46 -13.77 28.96 -6.24
N LEU A 47 -13.22 29.46 -5.14
CA LEU A 47 -13.09 28.71 -3.90
C LEU A 47 -13.85 29.35 -2.75
N SER A 48 -13.98 30.67 -2.75
CA SER A 48 -14.72 31.40 -1.72
C SER A 48 -14.21 31.07 -0.31
N SER A 49 -12.92 30.79 -0.20
CA SER A 49 -12.29 30.43 1.07
C SER A 49 -13.11 29.34 1.76
N TYR A 50 -13.45 28.31 0.99
CA TYR A 50 -14.22 27.16 1.45
C TYR A 50 -15.59 27.55 1.97
N SER A 51 -16.20 28.55 1.34
CA SER A 51 -17.53 29.12 1.59
C SER A 51 -17.54 30.16 2.71
N ALA A 52 -16.37 30.62 3.16
CA ALA A 52 -16.36 31.65 4.20
C ALA A 52 -16.77 33.02 3.64
N VAL A 53 -16.55 33.27 2.35
CA VAL A 53 -16.95 34.54 1.75
C VAL A 53 -18.10 34.30 0.78
N ASN A 54 -19.17 33.64 1.25
CA ASN A 54 -20.39 33.50 0.45
C ASN A 54 -20.87 34.86 -0.05
N GLN A 55 -20.74 35.88 0.80
CA GLN A 55 -21.14 37.24 0.53
C GLN A 55 -20.16 38.00 -0.36
N GLY A 56 -19.14 37.32 -0.89
CA GLY A 56 -18.09 37.98 -1.62
C GLY A 56 -17.11 38.71 -0.72
N HIS A 57 -15.90 38.87 -1.23
CA HIS A 57 -14.83 39.50 -0.44
C HIS A 57 -15.19 40.93 -0.08
N CYS A 58 -15.05 41.25 1.21
CA CYS A 58 -15.18 42.61 1.74
C CYS A 58 -16.52 43.23 1.38
N HIS A 59 -17.59 42.52 1.69
CA HIS A 59 -18.92 43.04 1.45
C HIS A 59 -19.10 44.33 2.25
N PRO A 60 -19.48 45.44 1.61
CA PRO A 60 -19.43 46.74 2.29
C PRO A 60 -20.32 46.84 3.51
N LYS A 61 -21.45 46.13 3.57
CA LYS A 61 -22.27 46.19 4.78
C LYS A 61 -21.56 45.56 5.96
N ILE A 62 -20.91 44.41 5.75
CA ILE A 62 -20.20 43.75 6.84
C ILE A 62 -18.94 44.53 7.19
N VAL A 63 -18.26 45.09 6.19
CA VAL A 63 -17.12 45.96 6.46
C VAL A 63 -17.52 47.13 7.33
N ASN A 64 -18.67 47.74 7.03
CA ASN A 64 -19.13 48.88 7.82
C ASN A 64 -19.55 48.45 9.22
N ALA A 65 -20.13 47.26 9.36
CA ALA A 65 -20.40 46.73 10.70
C ALA A 65 -19.12 46.61 11.51
N LEU A 66 -18.08 46.01 10.90
CA LEU A 66 -16.79 45.89 11.56
C LEU A 66 -16.26 47.26 11.98
N LYS A 67 -16.23 48.20 11.04
CA LYS A 67 -15.66 49.52 11.31
C LYS A 67 -16.43 50.24 12.41
N SER A 68 -17.75 50.16 12.39
CA SER A 68 -18.53 50.85 13.41
C SER A 68 -18.30 50.24 14.78
N GLN A 69 -18.14 48.91 14.86
CA GLN A 69 -18.00 48.32 16.18
C GLN A 69 -16.57 48.42 16.73
N VAL A 70 -15.56 48.43 15.85
CA VAL A 70 -14.18 48.45 16.37
C VAL A 70 -13.80 49.83 16.91
N ASP A 71 -14.38 50.91 16.37
CA ASP A 71 -14.20 52.25 16.93
C ASP A 71 -14.68 52.29 18.38
N LYS A 72 -15.34 51.21 18.80
CA LYS A 72 -16.10 51.21 20.05
C LYS A 72 -15.58 50.19 21.06
N LEU A 73 -15.91 48.92 20.86
CA LEU A 73 -15.53 47.86 21.79
C LEU A 73 -15.34 46.58 21.00
N THR A 74 -14.33 45.79 21.38
CA THR A 74 -14.05 44.54 20.67
C THR A 74 -14.05 43.30 21.56
N LEU A 75 -13.74 43.42 22.86
CA LEU A 75 -13.58 42.21 23.68
C LEU A 75 -13.65 42.57 25.16
N THR A 76 -14.66 42.08 25.85
CA THR A 76 -14.69 42.19 27.31
C THR A 76 -14.34 40.88 28.00
N SER A 77 -14.25 39.78 27.26
CA SER A 77 -14.31 38.41 27.78
C SER A 77 -15.70 38.16 28.35
N ARG A 78 -16.10 36.89 28.47
CA ARG A 78 -17.42 36.58 29.00
C ARG A 78 -17.46 36.59 30.52
N ALA A 79 -16.39 37.03 31.17
CA ALA A 79 -16.46 37.31 32.59
C ALA A 79 -17.40 38.48 32.90
N PHE A 80 -17.67 39.33 31.91
CA PHE A 80 -18.67 40.38 31.97
C PHE A 80 -19.62 40.23 30.80
N TYR A 81 -20.69 41.01 30.80
CA TYR A 81 -21.59 41.09 29.66
C TYR A 81 -21.19 42.22 28.73
N ASN A 82 -21.48 42.03 27.44
CA ASN A 82 -21.60 43.12 26.48
C ASN A 82 -23.00 43.11 25.91
N ASN A 83 -23.32 44.21 25.23
CA ASN A 83 -24.64 44.40 24.67
C ASN A 83 -24.91 43.50 23.48
N VAL A 84 -23.88 43.36 22.60
CA VAL A 84 -24.10 42.87 21.25
C VAL A 84 -24.52 41.42 21.28
N LEU A 85 -23.94 40.64 22.20
CA LEU A 85 -24.08 39.19 22.19
C LEU A 85 -25.55 38.75 22.29
N GLY A 86 -26.29 39.34 23.24
CA GLY A 86 -27.69 38.98 23.39
C GLY A 86 -28.52 39.31 22.16
N GLU A 87 -28.25 40.46 21.55
CA GLU A 87 -28.94 40.84 20.31
C GLU A 87 -28.67 39.83 19.21
N TYR A 88 -27.39 39.48 19.03
CA TYR A 88 -27.02 38.50 18.02
C TYR A 88 -27.65 37.14 18.31
N GLU A 89 -27.70 36.76 19.59
CA GLU A 89 -28.24 35.46 19.98
C GLU A 89 -29.73 35.37 19.68
N GLU A 90 -30.49 36.38 20.11
CA GLU A 90 -31.91 36.43 19.75
C GLU A 90 -32.08 36.34 18.24
N TYR A 91 -31.32 37.14 17.49
CA TYR A 91 -31.40 37.13 16.03
C TYR A 91 -31.23 35.72 15.47
N ILE A 92 -30.10 35.07 15.80
CA ILE A 92 -29.77 33.82 15.11
C ILE A 92 -30.65 32.68 15.58
N THR A 93 -31.02 32.65 16.87
CA THR A 93 -31.89 31.57 17.34
C THR A 93 -33.29 31.70 16.74
N LYS A 94 -33.80 32.93 16.58
CA LYS A 94 -35.10 33.05 15.92
C LYS A 94 -35.00 32.76 14.44
N LEU A 95 -33.88 33.11 13.81
CA LEU A 95 -33.70 32.82 12.40
C LEU A 95 -33.71 31.32 12.13
N PHE A 96 -33.04 30.52 12.97
CA PHE A 96 -32.97 29.09 12.71
C PHE A 96 -33.93 28.27 13.55
N ASN A 97 -34.74 28.91 14.40
CA ASN A 97 -35.79 28.24 15.16
C ASN A 97 -35.24 27.19 16.14
N TYR A 98 -34.22 27.58 16.88
CA TYR A 98 -33.74 26.82 18.02
C TYR A 98 -33.80 27.70 19.26
N HIS A 99 -33.96 27.06 20.43
CA HIS A 99 -33.99 27.82 21.67
C HIS A 99 -32.72 28.66 21.83
N LYS A 100 -31.55 28.05 21.68
CA LYS A 100 -30.34 28.72 22.11
C LYS A 100 -29.18 28.48 21.15
N VAL A 101 -28.20 29.39 21.25
CA VAL A 101 -26.93 29.32 20.56
C VAL A 101 -25.81 29.38 21.59
N LEU A 102 -24.73 28.67 21.30
CA LEU A 102 -23.48 28.77 22.05
C LEU A 102 -22.43 29.30 21.08
N PRO A 103 -21.86 30.48 21.35
CA PRO A 103 -20.93 31.09 20.39
C PRO A 103 -19.50 30.63 20.61
N MET A 104 -18.83 30.34 19.50
CA MET A 104 -17.42 30.01 19.52
C MET A 104 -16.77 30.77 18.36
N ASN A 105 -15.51 30.45 18.06
CA ASN A 105 -14.76 31.21 17.05
C ASN A 105 -14.57 30.45 15.76
N THR A 106 -13.99 29.25 15.82
CA THR A 106 -13.68 28.48 14.63
C THR A 106 -14.63 27.30 14.49
N GLY A 107 -14.67 26.74 13.28
CA GLY A 107 -15.55 25.61 13.03
C GLY A 107 -15.25 24.42 13.90
N VAL A 108 -13.96 24.09 14.05
CA VAL A 108 -13.61 22.93 14.86
C VAL A 108 -14.02 23.15 16.31
N GLU A 109 -14.04 24.41 16.77
CA GLU A 109 -14.47 24.67 18.13
C GLU A 109 -15.96 24.41 18.28
N ALA A 110 -16.75 24.71 17.24
CA ALA A 110 -18.16 24.35 17.28
C ALA A 110 -18.33 22.84 17.29
N GLY A 111 -17.52 22.13 16.50
CA GLY A 111 -17.58 20.66 16.54
C GLY A 111 -17.25 20.09 17.91
N GLU A 112 -16.17 20.57 18.52
CA GLU A 112 -15.81 20.13 19.86
C GLU A 112 -16.94 20.41 20.85
N THR A 113 -17.53 21.61 20.76
CA THR A 113 -18.66 21.97 21.61
C THR A 113 -19.80 20.99 21.43
N ALA A 114 -20.10 20.64 20.17
CA ALA A 114 -21.16 19.68 19.91
C ALA A 114 -20.84 18.34 20.55
N CYS A 115 -19.59 17.90 20.46
CA CYS A 115 -19.23 16.60 21.05
C CYS A 115 -19.42 16.62 22.56
N LYS A 116 -19.03 17.74 23.19
CA LYS A 116 -19.20 17.87 24.63
C LYS A 116 -20.68 17.89 25.01
N LEU A 117 -21.50 18.62 24.25
CA LEU A 117 -22.95 18.61 24.49
C LEU A 117 -23.51 17.20 24.37
N ALA A 118 -23.12 16.47 23.33
CA ALA A 118 -23.65 15.13 23.12
C ALA A 118 -23.27 14.21 24.26
N ARG A 119 -22.01 14.26 24.70
CA ARG A 119 -21.60 13.42 25.83
C ARG A 119 -22.32 13.81 27.12
N LYS A 120 -22.38 15.11 27.42
CA LYS A 120 -23.03 15.55 28.65
C LYS A 120 -24.51 15.17 28.65
N TRP A 121 -25.17 15.33 27.50
CA TRP A 121 -26.55 14.89 27.36
C TRP A 121 -26.66 13.38 27.49
N GLY A 122 -25.71 12.64 26.93
CA GLY A 122 -25.75 11.19 27.03
C GLY A 122 -25.68 10.72 28.47
N TYR A 123 -24.82 11.35 29.27
CA TYR A 123 -24.69 10.93 30.67
C TYR A 123 -25.85 11.46 31.53
N THR A 124 -26.23 12.72 31.37
CA THR A 124 -27.18 13.33 32.31
C THR A 124 -28.63 13.12 31.92
N VAL A 125 -28.93 12.93 30.64
CA VAL A 125 -30.31 12.73 30.18
C VAL A 125 -30.54 11.30 29.71
N LYS A 126 -29.73 10.82 28.77
CA LYS A 126 -29.94 9.45 28.28
C LYS A 126 -29.59 8.40 29.34
N GLY A 127 -28.73 8.74 30.30
CA GLY A 127 -28.39 7.81 31.36
C GLY A 127 -27.24 6.88 31.07
N ILE A 128 -26.40 7.19 30.08
CA ILE A 128 -25.22 6.38 29.81
C ILE A 128 -24.27 6.46 31.00
N GLN A 129 -23.65 5.33 31.33
CA GLN A 129 -22.67 5.31 32.41
C GLN A 129 -21.41 6.07 31.99
N LYS A 130 -20.89 6.91 32.89
CA LYS A 130 -19.61 7.58 32.64
C LYS A 130 -18.47 6.55 32.68
N TYR A 131 -17.63 6.52 31.64
CA TYR A 131 -17.62 7.38 30.47
C TYR A 131 -17.72 6.55 29.19
N LYS A 132 -18.87 5.92 29.00
CA LYS A 132 -19.08 4.96 27.94
C LYS A 132 -19.76 5.55 26.71
N ALA A 133 -19.98 6.86 26.67
CA ALA A 133 -20.73 7.44 25.57
C ALA A 133 -19.93 7.41 24.28
N LYS A 134 -20.62 7.10 23.18
CA LYS A 134 -20.01 7.04 21.86
C LYS A 134 -20.63 8.11 20.96
N ILE A 135 -19.82 8.60 20.03
CA ILE A 135 -20.31 9.44 18.94
C ILE A 135 -19.93 8.76 17.64
N VAL A 136 -20.89 8.70 16.70
CA VAL A 136 -20.69 8.07 15.39
C VAL A 136 -20.45 9.17 14.35
N PHE A 137 -19.50 8.93 13.45
CA PHE A 137 -19.15 9.82 12.35
C PHE A 137 -19.20 9.04 11.04
N ALA A 138 -19.26 9.78 9.94
CA ALA A 138 -19.29 9.22 8.59
C ALA A 138 -17.90 9.29 7.98
N ALA A 139 -17.45 8.17 7.41
CA ALA A 139 -16.20 8.14 6.66
C ALA A 139 -16.18 9.26 5.62
N GLY A 140 -15.02 9.89 5.45
CA GLY A 140 -14.90 11.08 4.65
C GLY A 140 -15.13 12.38 5.38
N ASN A 141 -15.58 12.34 6.64
CA ASN A 141 -15.87 13.56 7.37
C ASN A 141 -14.63 14.42 7.50
N PHE A 142 -14.84 15.72 7.48
CA PHE A 142 -13.80 16.66 7.88
C PHE A 142 -14.46 17.73 8.73
N TRP A 143 -13.97 17.88 9.96
CA TRP A 143 -14.48 18.98 10.77
C TRP A 143 -13.38 19.71 11.53
N GLY A 144 -12.14 19.63 11.11
CA GLY A 144 -11.11 20.40 11.76
C GLY A 144 -9.89 19.58 12.04
N ARG A 145 -8.94 20.19 12.73
CA ARG A 145 -7.61 19.62 12.90
C ARG A 145 -7.20 19.44 14.37
N THR A 146 -8.13 19.53 15.32
CA THR A 146 -7.79 19.15 16.68
C THR A 146 -7.55 17.64 16.79
N LEU A 147 -6.97 17.23 17.92
CA LEU A 147 -6.75 15.80 18.16
C LEU A 147 -8.07 15.03 18.09
N SER A 148 -9.14 15.60 18.63
CA SER A 148 -10.43 14.93 18.57
C SER A 148 -10.95 14.86 17.14
N ALA A 149 -10.78 15.94 16.38
CA ALA A 149 -11.34 15.97 15.03
C ALA A 149 -10.63 15.00 14.09
N ILE A 150 -9.30 14.92 14.16
CA ILE A 150 -8.59 13.94 13.37
C ILE A 150 -8.80 12.52 13.88
N SER A 151 -9.21 12.36 15.15
CA SER A 151 -9.54 11.02 15.64
C SER A 151 -10.73 10.38 14.93
N SER A 152 -11.63 11.18 14.36
CA SER A 152 -12.78 10.65 13.62
C SER A 152 -12.54 10.59 12.12
N SER A 153 -11.37 11.02 11.66
CA SER A 153 -11.11 11.08 10.23
C SER A 153 -10.70 9.72 9.70
N THR A 154 -11.06 9.46 8.44
CA THR A 154 -10.55 8.30 7.72
C THR A 154 -9.43 8.67 6.76
N ASP A 155 -8.97 9.92 6.80
CA ASP A 155 -7.91 10.39 5.91
C ASP A 155 -6.58 10.26 6.63
N PRO A 156 -5.70 9.34 6.21
CA PRO A 156 -4.38 9.20 6.87
C PRO A 156 -3.59 10.50 6.96
N THR A 157 -3.68 11.38 5.96
CA THR A 157 -2.93 12.64 6.08
C THR A 157 -3.39 13.46 7.27
N SER A 158 -4.64 13.29 7.74
CA SER A 158 -5.11 14.01 8.91
C SER A 158 -4.64 13.39 10.23
N TYR A 159 -4.55 12.06 10.32
CA TYR A 159 -4.31 11.46 11.61
C TYR A 159 -2.96 10.78 11.77
N ASP A 160 -2.29 10.43 10.67
CA ASP A 160 -1.07 9.64 10.75
C ASP A 160 0.02 10.42 11.47
N GLY A 161 0.60 9.80 12.50
CA GLY A 161 1.66 10.43 13.28
C GLY A 161 1.19 11.34 14.39
N PHE A 162 -0.10 11.40 14.68
CA PHE A 162 -0.59 12.41 15.62
C PHE A 162 -1.09 11.80 16.93
N GLY A 163 -0.36 10.78 17.41
CA GLY A 163 -0.37 10.34 18.81
C GLY A 163 -1.61 9.53 18.95
N PRO A 164 -1.84 8.91 20.11
CA PRO A 164 -3.04 8.08 20.27
C PRO A 164 -4.30 8.91 20.24
N PHE A 165 -5.40 8.25 19.95
CA PHE A 165 -6.58 8.95 19.47
C PHE A 165 -7.68 8.94 20.51
N MET A 166 -8.61 9.86 20.35
CA MET A 166 -9.75 9.99 21.23
C MET A 166 -10.60 8.72 21.18
N PRO A 167 -10.85 8.07 22.32
CA PRO A 167 -11.75 6.92 22.31
C PRO A 167 -13.20 7.37 22.21
N GLY A 168 -14.05 6.42 21.83
CA GLY A 168 -15.48 6.66 21.81
C GLY A 168 -16.00 7.28 20.52
N PHE A 169 -15.18 7.32 19.47
CA PHE A 169 -15.57 7.82 18.15
C PHE A 169 -15.60 6.61 17.24
N ASP A 170 -16.79 6.28 16.72
CA ASP A 170 -16.95 5.20 15.76
C ASP A 170 -17.22 5.77 14.38
N ILE A 171 -16.85 5.02 13.34
CA ILE A 171 -16.97 5.48 11.96
C ILE A 171 -17.79 4.47 11.17
N ILE A 172 -18.74 4.97 10.39
CA ILE A 172 -19.53 4.17 9.47
C ILE A 172 -19.43 4.81 8.09
N PRO A 173 -19.77 4.08 7.03
CA PRO A 173 -19.79 4.72 5.71
C PRO A 173 -20.78 5.86 5.65
N TYR A 174 -20.45 6.87 4.84
CA TYR A 174 -21.37 7.94 4.50
C TYR A 174 -22.47 7.41 3.57
N ASN A 175 -23.61 8.10 3.55
CA ASN A 175 -24.69 7.79 2.60
C ASN A 175 -25.15 6.33 2.72
N ASP A 176 -25.27 5.86 3.97
CA ASP A 176 -25.49 4.44 4.25
C ASP A 176 -26.42 4.33 5.45
N LEU A 177 -27.71 4.25 5.18
CA LEU A 177 -28.68 4.16 6.28
C LEU A 177 -28.65 2.79 6.97
N PRO A 178 -28.49 1.66 6.26
CA PRO A 178 -28.34 0.39 6.98
C PRO A 178 -27.17 0.38 7.95
N ALA A 179 -26.03 1.00 7.59
CA ALA A 179 -24.89 1.01 8.51
C ALA A 179 -25.17 1.87 9.73
N LEU A 180 -25.87 2.99 9.55
CA LEU A 180 -26.26 3.81 10.70
C LEU A 180 -27.23 3.05 11.60
N GLU A 181 -28.26 2.44 11.01
CA GLU A 181 -29.18 1.63 11.78
C GLU A 181 -28.44 0.56 12.57
N ARG A 182 -27.40 -0.02 11.99
CA ARG A 182 -26.63 -1.05 12.71
C ARG A 182 -25.84 -0.43 13.87
N ALA A 183 -25.19 0.71 13.64
CA ALA A 183 -24.42 1.37 14.69
C ALA A 183 -25.31 1.81 15.84
N LEU A 184 -26.52 2.26 15.55
CA LEU A 184 -27.33 2.83 16.62
C LEU A 184 -27.99 1.77 17.51
N GLN A 185 -27.72 0.48 17.28
CA GLN A 185 -28.21 -0.55 18.20
C GLN A 185 -27.54 -0.48 19.57
N ASP A 186 -26.37 0.13 19.65
CA ASP A 186 -25.65 0.29 20.90
C ASP A 186 -26.26 1.44 21.68
N PRO A 187 -26.92 1.17 22.82
CA PRO A 187 -27.55 2.26 23.59
C PRO A 187 -26.55 3.26 24.16
N ASN A 188 -25.25 2.95 24.17
CA ASN A 188 -24.23 3.88 24.62
C ASN A 188 -23.89 4.93 23.56
N VAL A 189 -24.49 4.85 22.37
CA VAL A 189 -24.30 5.92 21.40
C VAL A 189 -25.11 7.12 21.82
N ALA A 190 -24.46 8.27 21.90
CA ALA A 190 -25.14 9.52 22.23
C ALA A 190 -25.48 10.35 21.02
N ALA A 191 -24.70 10.30 19.95
CA ALA A 191 -24.95 11.18 18.82
C ALA A 191 -24.37 10.61 17.54
N PHE A 192 -24.86 11.14 16.42
CA PHE A 192 -24.33 10.92 15.07
C PHE A 192 -24.08 12.29 14.48
N MET A 193 -22.83 12.56 14.11
CA MET A 193 -22.45 13.83 13.48
C MET A 193 -22.22 13.59 11.99
N VAL A 194 -22.77 14.46 11.16
CA VAL A 194 -22.68 14.23 9.72
C VAL A 194 -22.85 15.55 8.98
N GLU A 195 -22.16 15.66 7.84
CA GLU A 195 -22.29 16.77 6.90
C GLU A 195 -23.38 16.45 5.90
N PRO A 196 -24.31 17.38 5.62
CA PRO A 196 -25.38 17.08 4.66
C PRO A 196 -24.87 16.87 3.25
N ILE A 197 -23.76 17.52 2.91
CA ILE A 197 -22.92 17.20 1.75
C ILE A 197 -21.49 17.27 2.27
N GLN A 198 -20.67 16.28 1.97
CA GLN A 198 -19.29 16.26 2.45
C GLN A 198 -18.45 17.15 1.56
N GLY A 199 -17.98 18.28 2.11
CA GLY A 199 -17.22 19.24 1.33
C GLY A 199 -15.81 18.79 1.03
N GLU A 200 -14.99 18.67 2.08
CA GLU A 200 -13.56 18.36 1.90
C GLU A 200 -13.37 17.01 1.22
N ALA A 201 -14.34 16.10 1.35
CA ALA A 201 -14.23 14.80 0.72
C ALA A 201 -14.39 14.87 -0.80
N GLY A 202 -14.83 16.00 -1.34
CA GLY A 202 -14.99 16.14 -2.77
C GLY A 202 -16.41 16.46 -3.21
N VAL A 203 -17.14 17.22 -2.40
CA VAL A 203 -18.55 17.53 -2.63
C VAL A 203 -19.30 16.22 -2.86
N VAL A 204 -19.34 15.37 -1.85
CA VAL A 204 -20.03 14.09 -1.93
C VAL A 204 -21.47 14.31 -1.50
N VAL A 205 -22.39 14.23 -2.45
CA VAL A 205 -23.81 14.48 -2.21
C VAL A 205 -24.47 13.14 -1.90
N PRO A 206 -25.10 12.96 -0.74
CA PRO A 206 -25.78 11.70 -0.45
C PRO A 206 -27.07 11.58 -1.25
N ASP A 207 -27.59 10.37 -1.29
CA ASP A 207 -28.79 10.08 -2.08
C ASP A 207 -29.99 10.79 -1.49
N PRO A 208 -30.98 11.13 -2.33
CA PRO A 208 -32.22 11.70 -1.79
C PRO A 208 -32.81 10.78 -0.75
N GLY A 209 -33.30 11.38 0.34
CA GLY A 209 -33.85 10.64 1.45
C GLY A 209 -32.85 10.27 2.54
N TYR A 210 -31.56 10.47 2.30
CA TYR A 210 -30.56 10.12 3.32
C TYR A 210 -30.79 10.93 4.59
N LEU A 211 -30.95 12.25 4.46
CA LEU A 211 -31.11 13.09 5.66
C LEU A 211 -32.39 12.76 6.41
N MET A 212 -33.48 12.52 5.69
CA MET A 212 -34.72 12.06 6.31
C MET A 212 -34.51 10.77 7.08
N GLY A 213 -33.80 9.81 6.47
CA GLY A 213 -33.54 8.55 7.15
C GLY A 213 -32.68 8.72 8.38
N VAL A 214 -31.67 9.60 8.30
CA VAL A 214 -30.83 9.87 9.45
C VAL A 214 -31.68 10.40 10.60
N ARG A 215 -32.53 11.38 10.31
CA ARG A 215 -33.41 11.93 11.33
C ARG A 215 -34.30 10.84 11.93
N GLU A 216 -34.93 10.02 11.09
CA GLU A 216 -35.81 8.98 11.60
C GLU A 216 -35.05 8.00 12.50
N LEU A 217 -33.86 7.56 12.08
CA LEU A 217 -33.13 6.56 12.86
C LEU A 217 -32.65 7.16 14.18
N CYS A 218 -32.19 8.42 14.15
CA CYS A 218 -31.72 9.08 15.37
C CYS A 218 -32.87 9.24 16.37
N THR A 219 -34.02 9.71 15.89
CA THR A 219 -35.20 9.79 16.76
C THR A 219 -35.58 8.43 17.32
N ARG A 220 -35.63 7.40 16.46
CA ARG A 220 -36.07 6.08 16.88
C ARG A 220 -35.20 5.52 18.01
N HIS A 221 -33.88 5.74 17.94
CA HIS A 221 -32.97 5.13 18.90
C HIS A 221 -32.45 6.11 19.95
N GLN A 222 -33.10 7.26 20.12
CA GLN A 222 -32.75 8.25 21.15
C GLN A 222 -31.28 8.65 21.04
N VAL A 223 -30.93 9.13 19.84
CA VAL A 223 -29.56 9.54 19.50
C VAL A 223 -29.65 10.95 18.94
N LEU A 224 -28.71 11.81 19.31
CA LEU A 224 -28.72 13.19 18.83
C LEU A 224 -28.20 13.26 17.39
N PHE A 225 -28.93 13.98 16.54
CA PHE A 225 -28.52 14.25 15.15
C PHE A 225 -27.79 15.60 15.13
N ILE A 226 -26.47 15.56 14.92
CA ILE A 226 -25.64 16.74 14.79
C ILE A 226 -25.36 16.96 13.31
N ALA A 227 -25.82 18.08 12.76
CA ALA A 227 -25.59 18.43 11.38
C ALA A 227 -24.50 19.49 11.30
N ASP A 228 -23.37 19.13 10.69
CA ASP A 228 -22.30 20.09 10.50
C ASP A 228 -22.59 20.85 9.21
N GLU A 229 -23.18 22.04 9.33
CA GLU A 229 -23.44 22.92 8.19
C GLU A 229 -22.45 24.08 8.12
N ILE A 230 -21.21 23.86 8.57
CA ILE A 230 -20.21 24.93 8.56
C ILE A 230 -19.83 25.32 7.15
N GLN A 231 -19.83 24.36 6.22
CA GLN A 231 -19.58 24.64 4.81
C GLN A 231 -20.85 24.66 3.97
N THR A 232 -21.84 23.84 4.30
CA THR A 232 -23.04 23.72 3.48
C THR A 232 -24.12 24.71 3.86
N GLY A 233 -24.03 25.34 5.03
CA GLY A 233 -25.08 26.23 5.48
C GLY A 233 -25.00 27.60 4.84
N LEU A 234 -25.89 28.47 5.28
CA LEU A 234 -25.89 29.90 4.94
C LEU A 234 -25.85 30.12 3.42
N ALA A 235 -26.87 29.58 2.76
CA ALA A 235 -27.25 29.80 1.37
C ALA A 235 -26.35 29.08 0.35
N ARG A 236 -25.23 28.49 0.75
CA ARG A 236 -24.28 27.96 -0.23
C ARG A 236 -24.89 26.91 -1.14
N THR A 237 -25.76 26.06 -0.60
CA THR A 237 -26.39 25.01 -1.40
C THR A 237 -27.74 25.42 -1.96
N GLY A 238 -28.17 26.66 -1.74
CA GLY A 238 -29.46 27.13 -2.21
C GLY A 238 -30.54 27.21 -1.15
N ARG A 239 -30.24 26.84 0.09
CA ARG A 239 -31.17 26.97 1.20
C ARG A 239 -30.41 27.56 2.40
N TRP A 240 -31.16 28.00 3.41
CA TRP A 240 -30.52 28.44 4.64
C TRP A 240 -29.64 27.35 5.23
N LEU A 241 -30.15 26.12 5.24
CA LEU A 241 -29.39 24.93 5.61
C LEU A 241 -29.59 23.88 4.53
N ALA A 242 -28.56 23.08 4.24
CA ALA A 242 -28.74 22.01 3.26
C ALA A 242 -29.80 21.02 3.72
N VAL A 243 -29.93 20.80 5.04
CA VAL A 243 -30.97 19.90 5.54
C VAL A 243 -32.37 20.41 5.18
N ASP A 244 -32.53 21.71 4.93
CA ASP A 244 -33.83 22.23 4.52
C ASP A 244 -34.34 21.54 3.26
N TYR A 245 -33.44 21.04 2.40
CA TYR A 245 -33.91 20.38 1.19
C TYR A 245 -34.81 19.18 1.50
N GLU A 246 -34.71 18.59 2.69
CA GLU A 246 -35.57 17.46 3.04
C GLU A 246 -36.44 17.79 4.26
N ASN A 247 -36.53 19.07 4.61
CA ASN A 247 -37.33 19.55 5.75
C ASN A 247 -37.01 18.75 7.01
N VAL A 248 -35.71 18.61 7.28
CA VAL A 248 -35.21 17.83 8.40
C VAL A 248 -34.67 18.80 9.44
N ARG A 249 -35.05 18.59 10.71
CA ARG A 249 -34.59 19.40 11.83
C ARG A 249 -33.58 18.63 12.67
N PRO A 250 -32.28 18.89 12.53
CA PRO A 250 -31.30 18.22 13.40
C PRO A 250 -31.43 18.68 14.85
N ASP A 251 -30.87 17.86 15.74
CA ASP A 251 -30.86 18.22 17.16
C ASP A 251 -29.84 19.31 17.44
N ILE A 252 -28.69 19.26 16.77
CA ILE A 252 -27.65 20.28 16.90
C ILE A 252 -27.23 20.72 15.50
N VAL A 253 -27.15 22.02 15.28
CA VAL A 253 -26.69 22.56 14.00
C VAL A 253 -25.41 23.36 14.25
N LEU A 254 -24.37 23.05 13.49
CA LEU A 254 -23.12 23.78 13.54
C LEU A 254 -23.03 24.76 12.39
N LEU A 255 -22.71 26.03 12.71
CA LEU A 255 -22.45 27.02 11.68
C LEU A 255 -21.08 27.64 11.90
N GLY A 256 -20.45 28.05 10.80
CA GLY A 256 -19.18 28.72 10.84
C GLY A 256 -19.11 29.74 9.72
N LYS A 257 -17.79 29.69 9.18
N LYS A 257 -17.85 29.50 9.08
CA LYS A 257 -17.14 30.03 7.92
CA LYS A 257 -17.12 29.91 7.91
C LYS A 257 -17.81 31.26 7.31
C LYS A 257 -17.81 31.13 7.28
N ALA A 258 -19.08 31.35 6.66
CA ALA A 258 -19.74 32.51 6.09
C ALA A 258 -20.53 33.26 7.16
N LEU A 259 -20.56 32.70 8.37
CA LEU A 259 -21.24 33.37 9.47
C LEU A 259 -20.70 34.79 9.67
N SER A 260 -19.54 35.10 9.11
CA SER A 260 -18.91 36.41 9.25
C SER A 260 -18.55 37.04 7.91
N GLY A 261 -18.84 36.39 6.79
CA GLY A 261 -18.41 36.91 5.51
C GLY A 261 -16.91 36.94 5.32
N GLY A 262 -16.16 36.18 6.11
CA GLY A 262 -14.72 36.19 6.02
C GLY A 262 -14.01 37.27 6.82
N LEU A 263 -14.74 38.06 7.58
CA LEU A 263 -14.16 39.22 8.28
C LEU A 263 -13.72 38.90 9.70
N TYR A 264 -14.13 37.77 10.25
CA TYR A 264 -13.89 37.46 11.66
C TYR A 264 -14.16 35.97 11.89
N PRO A 265 -13.38 35.28 12.73
CA PRO A 265 -13.72 33.87 12.99
C PRO A 265 -14.88 33.74 13.96
N VAL A 266 -16.06 33.43 13.43
CA VAL A 266 -17.27 33.30 14.23
C VAL A 266 -17.90 31.94 13.92
N SER A 267 -18.22 31.17 14.96
CA SER A 267 -18.93 29.92 14.82
C SER A 267 -20.04 29.84 15.85
N ALA A 268 -21.00 28.96 15.60
CA ALA A 268 -22.21 28.86 16.41
C ALA A 268 -22.63 27.41 16.55
N VAL A 269 -23.13 27.07 17.74
CA VAL A 269 -23.76 25.78 17.99
C VAL A 269 -25.21 26.06 18.38
N LEU A 270 -26.15 25.57 17.59
CA LEU A 270 -27.57 25.82 17.81
C LEU A 270 -28.25 24.54 18.28
N CYS A 271 -29.02 24.66 19.36
CA CYS A 271 -29.90 23.57 19.76
C CYS A 271 -30.88 24.05 20.83
N ASP A 272 -31.81 23.16 21.17
CA ASP A 272 -32.86 23.43 22.12
C ASP A 272 -32.36 23.26 23.56
N ASP A 273 -33.21 23.72 24.50
CA ASP A 273 -32.83 23.82 25.90
C ASP A 273 -32.45 22.47 26.50
N ASP A 274 -33.22 21.42 26.20
CA ASP A 274 -32.97 20.14 26.86
C ASP A 274 -31.61 19.56 26.50
N ILE A 275 -30.97 20.05 25.45
CA ILE A 275 -29.59 19.71 25.15
C ILE A 275 -28.63 20.78 25.64
N MET A 276 -28.90 22.04 25.27
CA MET A 276 -27.97 23.12 25.57
C MET A 276 -27.72 23.25 27.07
N LEU A 277 -28.75 23.14 27.89
CA LEU A 277 -28.57 23.42 29.31
C LEU A 277 -27.98 22.24 30.08
N THR A 278 -27.52 21.19 29.39
CA THR A 278 -26.72 20.18 30.08
C THR A 278 -25.38 20.74 30.52
N ILE A 279 -24.92 21.82 29.90
CA ILE A 279 -23.66 22.46 30.27
C ILE A 279 -23.98 23.64 31.18
N LYS A 280 -23.39 23.62 32.38
CA LYS A 280 -23.65 24.56 33.45
C LYS A 280 -22.58 25.65 33.48
N PRO A 281 -22.83 26.77 34.17
CA PRO A 281 -21.85 27.86 34.17
C PRO A 281 -20.48 27.39 34.63
N GLY A 282 -19.46 27.83 33.92
CA GLY A 282 -18.09 27.45 34.18
C GLY A 282 -17.62 26.18 33.51
N GLU A 283 -18.50 25.48 32.77
CA GLU A 283 -18.16 24.16 32.27
C GLU A 283 -17.75 24.15 30.80
N HIS A 284 -17.73 25.30 30.14
CA HIS A 284 -17.30 25.38 28.75
C HIS A 284 -17.18 26.85 28.38
N GLY A 285 -16.26 27.16 27.47
CA GLY A 285 -16.15 28.52 27.00
C GLY A 285 -14.99 28.73 26.06
N SER A 286 -14.62 29.99 25.92
CA SER A 286 -13.63 30.46 24.96
C SER A 286 -13.39 31.94 25.21
N THR A 287 -12.13 32.36 25.08
CA THR A 287 -11.80 33.75 25.35
C THR A 287 -12.53 34.69 24.40
N TYR A 288 -12.43 34.44 23.11
CA TYR A 288 -13.00 35.32 22.09
C TYR A 288 -14.43 34.95 21.72
N GLY A 289 -14.92 33.79 22.18
CA GLY A 289 -16.29 33.41 21.90
C GLY A 289 -17.33 34.43 22.35
N GLY A 290 -18.14 34.91 21.40
CA GLY A 290 -19.22 35.82 21.71
C GLY A 290 -18.81 37.26 21.89
N ASN A 291 -17.61 37.64 21.46
CA ASN A 291 -17.15 39.00 21.62
C ASN A 291 -18.00 39.96 20.77
N PRO A 292 -18.09 41.24 21.16
CA PRO A 292 -19.02 42.17 20.49
C PRO A 292 -18.70 42.41 19.03
N LEU A 293 -17.41 42.49 18.68
CA LEU A 293 -17.04 42.76 17.30
C LEU A 293 -17.52 41.64 16.37
N GLY A 294 -17.20 40.39 16.69
CA GLY A 294 -17.64 39.28 15.87
C GLY A 294 -19.14 39.20 15.80
N CYS A 295 -19.83 39.60 16.87
CA CYS A 295 -21.28 39.52 16.91
C CYS A 295 -21.91 40.53 15.95
N ARG A 296 -21.39 41.78 15.95
CA ARG A 296 -21.82 42.75 14.95
C ARG A 296 -21.59 42.23 13.54
N VAL A 297 -20.38 41.71 13.28
CA VAL A 297 -20.06 41.20 11.95
C VAL A 297 -21.00 40.09 11.54
N ALA A 298 -21.37 39.22 12.50
CA ALA A 298 -22.22 38.07 12.17
C ALA A 298 -23.65 38.50 11.90
N ILE A 299 -24.18 39.43 12.71
CA ILE A 299 -25.50 39.99 12.41
C ILE A 299 -25.52 40.55 10.99
N ALA A 300 -24.47 41.30 10.63
CA ALA A 300 -24.43 41.89 9.29
C ALA A 300 -24.36 40.83 8.19
N ALA A 301 -23.53 39.79 8.39
CA ALA A 301 -23.40 38.76 7.37
C ALA A 301 -24.70 37.98 7.17
N LEU A 302 -25.38 37.66 8.26
CA LEU A 302 -26.68 36.99 8.14
C LEU A 302 -27.69 37.90 7.44
N GLU A 303 -27.68 39.19 7.77
CA GLU A 303 -28.60 40.12 7.11
C GLU A 303 -28.31 40.20 5.62
N VAL A 304 -27.03 40.19 5.24
CA VAL A 304 -26.69 40.22 3.81
C VAL A 304 -27.23 38.98 3.11
N LEU A 305 -27.07 37.82 3.74
CA LEU A 305 -27.61 36.59 3.15
C LEU A 305 -29.12 36.69 2.97
N GLU A 306 -29.83 37.25 3.94
CA GLU A 306 -31.29 37.28 3.83
C GLU A 306 -31.77 38.33 2.82
N GLU A 307 -31.26 39.55 2.93
CA GLU A 307 -31.82 40.65 2.14
C GLU A 307 -31.47 40.53 0.66
N GLU A 308 -30.36 39.90 0.32
CA GLU A 308 -29.94 39.78 -1.08
C GLU A 308 -30.38 38.46 -1.71
N ASN A 309 -31.20 37.67 -1.02
CA ASN A 309 -31.80 36.45 -1.59
C ASN A 309 -30.73 35.54 -2.19
N LEU A 310 -29.61 35.40 -1.48
CA LEU A 310 -28.47 34.69 -2.04
C LEU A 310 -28.71 33.20 -2.16
N ALA A 311 -29.63 32.62 -1.38
CA ALA A 311 -29.94 31.20 -1.52
C ALA A 311 -30.62 30.91 -2.86
N GLU A 312 -31.55 31.77 -3.27
CA GLU A 312 -32.22 31.58 -4.55
C GLU A 312 -31.24 31.77 -5.72
N ASN A 313 -30.39 32.78 -5.63
CA ASN A 313 -29.34 32.96 -6.63
C ASN A 313 -28.45 31.74 -6.70
N ALA A 314 -28.05 31.22 -5.54
CA ALA A 314 -27.22 30.01 -5.50
C ALA A 314 -27.92 28.85 -6.20
N ASP A 315 -29.21 28.66 -5.91
CA ASP A 315 -29.98 27.59 -6.55
C ASP A 315 -29.96 27.71 -8.08
N LYS A 316 -30.41 28.86 -8.60
CA LYS A 316 -30.56 29.00 -10.04
C LYS A 316 -29.22 28.98 -10.75
N LEU A 317 -28.24 29.72 -10.24
CA LEU A 317 -26.93 29.75 -10.90
C LEU A 317 -26.19 28.42 -10.77
N GLY A 318 -26.45 27.65 -9.72
CA GLY A 318 -25.85 26.31 -9.65
C GLY A 318 -26.46 25.38 -10.67
N ILE A 319 -27.77 25.49 -10.91
CA ILE A 319 -28.38 24.74 -12.01
C ILE A 319 -27.67 25.07 -13.32
N ILE A 320 -27.50 26.37 -13.60
CA ILE A 320 -26.80 26.77 -14.82
C ILE A 320 -25.38 26.21 -14.85
N LEU A 321 -24.67 26.30 -13.73
CA LEU A 321 -23.27 25.92 -13.71
C LEU A 321 -23.09 24.43 -13.96
N ARG A 322 -23.91 23.60 -13.32
CA ARG A 322 -23.79 22.16 -13.53
C ARG A 322 -24.23 21.77 -14.94
N ASN A 323 -25.30 22.40 -15.45
CA ASN A 323 -25.72 22.10 -16.82
C ASN A 323 -24.60 22.41 -17.81
N GLU A 324 -23.91 23.53 -17.63
CA GLU A 324 -22.82 23.86 -18.55
C GLU A 324 -21.63 22.93 -18.34
N LEU A 325 -21.29 22.60 -17.09
CA LEU A 325 -20.14 21.74 -16.84
C LEU A 325 -20.33 20.37 -17.45
N MET A 326 -21.56 19.87 -17.50
CA MET A 326 -21.79 18.54 -18.03
C MET A 326 -21.57 18.45 -19.54
N LYS A 327 -21.42 19.59 -20.23
CA LYS A 327 -21.14 19.57 -21.67
C LYS A 327 -19.67 19.32 -21.97
N LEU A 328 -18.78 19.38 -20.97
CA LEU A 328 -17.41 19.01 -21.20
C LEU A 328 -17.32 17.50 -21.47
N PRO A 329 -16.34 17.06 -22.24
CA PRO A 329 -16.36 15.66 -22.72
C PRO A 329 -16.10 14.64 -21.62
N SER A 330 -16.70 13.45 -21.79
CA SER A 330 -16.57 12.40 -20.80
C SER A 330 -15.14 11.89 -20.72
N ASP A 331 -14.37 12.05 -21.79
CA ASP A 331 -12.99 11.59 -21.81
C ASP A 331 -12.10 12.38 -20.85
N VAL A 332 -12.56 13.51 -20.33
CA VAL A 332 -11.69 14.36 -19.50
C VAL A 332 -12.35 14.63 -18.15
N VAL A 333 -13.67 14.79 -18.14
CA VAL A 333 -14.44 15.11 -16.93
C VAL A 333 -15.42 13.97 -16.73
N THR A 334 -15.13 13.10 -15.77
CA THR A 334 -15.91 11.88 -15.58
C THR A 334 -17.14 12.09 -14.69
N ALA A 335 -17.27 13.24 -14.03
CA ALA A 335 -18.38 13.44 -13.10
C ALA A 335 -18.53 14.91 -12.79
N VAL A 336 -19.79 15.33 -12.61
CA VAL A 336 -20.16 16.68 -12.19
C VAL A 336 -21.19 16.54 -11.08
N ARG A 337 -20.95 17.18 -9.94
CA ARG A 337 -21.86 17.02 -8.83
C ARG A 337 -21.92 18.30 -7.99
N GLY A 338 -22.97 18.40 -7.20
CA GLY A 338 -23.09 19.50 -6.26
C GLY A 338 -24.54 19.90 -6.08
N LYS A 339 -24.72 20.89 -5.21
CA LYS A 339 -26.02 21.49 -4.98
C LYS A 339 -25.82 22.99 -4.82
N GLY A 340 -26.77 23.77 -5.33
CA GLY A 340 -26.59 25.21 -5.33
C GLY A 340 -25.25 25.58 -5.92
N LEU A 341 -24.51 26.46 -5.22
CA LEU A 341 -23.20 26.90 -5.69
C LEU A 341 -22.06 26.18 -4.98
N LEU A 342 -22.29 24.97 -4.47
CA LEU A 342 -21.22 24.08 -4.01
C LEU A 342 -21.15 22.93 -5.01
N ASN A 343 -20.13 22.94 -5.89
CA ASN A 343 -20.06 21.95 -6.95
C ASN A 343 -18.63 21.46 -7.11
N ALA A 344 -18.48 20.37 -7.85
CA ALA A 344 -17.17 19.82 -8.16
C ALA A 344 -17.25 19.02 -9.44
N ILE A 345 -16.10 18.95 -10.14
CA ILE A 345 -15.93 18.06 -11.27
C ILE A 345 -14.81 17.08 -10.94
N VAL A 346 -14.87 15.89 -11.54
CA VAL A 346 -13.87 14.85 -11.35
C VAL A 346 -13.05 14.73 -12.64
N ILE A 347 -11.73 14.70 -12.51
CA ILE A 347 -10.80 14.69 -13.62
C ILE A 347 -10.45 13.25 -13.98
N LYS A 348 -10.48 12.93 -15.28
CA LYS A 348 -9.91 11.67 -15.75
C LYS A 348 -8.40 11.78 -15.64
N GLU A 349 -7.89 11.67 -14.41
CA GLU A 349 -6.47 11.85 -14.15
C GLU A 349 -5.63 10.83 -14.91
N THR A 350 -4.86 11.31 -15.89
CA THR A 350 -3.85 10.48 -16.51
C THR A 350 -2.59 10.55 -15.66
N LYS A 351 -1.43 10.69 -16.30
CA LYS A 351 -0.29 11.33 -15.69
C LYS A 351 0.32 12.37 -16.60
N ASP A 352 -0.10 12.40 -17.87
CA ASP A 352 0.00 13.54 -18.78
C ASP A 352 -0.75 14.75 -18.20
N TRP A 353 -1.48 14.54 -17.09
CA TRP A 353 -2.58 15.42 -16.77
C TRP A 353 -3.23 15.11 -15.41
N ASP A 354 -3.64 16.15 -14.67
CA ASP A 354 -4.25 15.98 -13.34
C ASP A 354 -4.90 17.29 -12.91
N ALA A 355 -5.56 17.24 -11.75
CA ALA A 355 -6.34 18.39 -11.28
C ALA A 355 -5.45 19.57 -10.91
N TRP A 356 -4.23 19.32 -10.45
CA TRP A 356 -3.33 20.43 -10.11
C TRP A 356 -2.94 21.23 -11.35
N LYS A 357 -2.54 20.53 -12.42
CA LYS A 357 -2.20 21.23 -13.65
C LYS A 357 -3.40 21.99 -14.20
N VAL A 358 -4.59 21.42 -14.06
CA VAL A 358 -5.80 22.12 -14.50
C VAL A 358 -5.98 23.42 -13.72
N CYS A 359 -5.79 23.37 -12.40
CA CYS A 359 -5.95 24.58 -11.60
C CYS A 359 -4.86 25.61 -11.88
N LEU A 360 -3.64 25.15 -12.18
CA LEU A 360 -2.59 26.06 -12.61
C LEU A 360 -3.00 26.79 -13.89
N ARG A 361 -3.50 26.05 -14.88
CA ARG A 361 -3.92 26.68 -16.12
C ARG A 361 -5.13 27.59 -15.90
N LEU A 362 -6.02 27.23 -14.99
CA LEU A 362 -7.17 28.08 -14.69
C LEU A 362 -6.71 29.41 -14.10
N ARG A 363 -5.75 29.34 -13.18
CA ARG A 363 -5.12 30.56 -12.68
C ARG A 363 -4.53 31.36 -13.83
N ASP A 364 -3.83 30.68 -14.74
CA ASP A 364 -3.28 31.36 -15.91
C ASP A 364 -4.36 32.08 -16.72
N ASN A 365 -5.59 31.56 -16.71
CA ASN A 365 -6.67 32.11 -17.50
C ASN A 365 -7.64 32.95 -16.67
N GLY A 366 -7.27 33.31 -15.44
CA GLY A 366 -8.05 34.26 -14.67
C GLY A 366 -9.09 33.68 -13.73
N LEU A 367 -8.99 32.41 -13.36
CA LEU A 367 -9.95 31.83 -12.42
C LEU A 367 -9.19 31.00 -11.39
N LEU A 368 -9.55 31.17 -10.12
CA LEU A 368 -8.85 30.50 -9.02
C LEU A 368 -9.71 29.37 -8.45
N ALA A 369 -9.18 28.16 -8.49
CA ALA A 369 -9.78 27.01 -7.83
C ALA A 369 -8.65 26.12 -7.31
N LYS A 370 -9.00 25.23 -6.39
CA LYS A 370 -7.98 24.31 -5.93
C LYS A 370 -8.53 22.89 -5.87
N PRO A 371 -7.74 21.90 -6.25
CA PRO A 371 -8.21 20.51 -6.16
C PRO A 371 -8.31 20.06 -4.71
N THR A 372 -9.17 19.07 -4.47
CA THR A 372 -9.23 18.48 -3.15
C THR A 372 -8.73 17.03 -3.11
N HIS A 373 -8.42 16.41 -4.24
CA HIS A 373 -7.80 15.10 -4.14
C HIS A 373 -6.82 14.76 -5.26
N GLY A 374 -6.91 15.45 -6.39
CA GLY A 374 -5.99 15.15 -7.47
C GLY A 374 -6.72 14.78 -8.74
N ASP A 375 -7.98 14.36 -8.59
CA ASP A 375 -8.90 14.31 -9.69
C ASP A 375 -10.16 15.11 -9.41
N ILE A 376 -10.27 15.75 -8.25
CA ILE A 376 -11.46 16.51 -7.87
C ILE A 376 -11.11 17.99 -7.86
N ILE A 377 -11.86 18.78 -8.61
CA ILE A 377 -11.73 20.24 -8.58
C ILE A 377 -13.05 20.83 -8.13
N ARG A 378 -12.99 21.61 -7.05
CA ARG A 378 -14.16 22.28 -6.50
C ARG A 378 -14.42 23.58 -7.26
N PHE A 379 -15.70 23.84 -7.53
CA PHE A 379 -16.16 25.10 -8.11
C PHE A 379 -17.21 25.67 -7.16
N ALA A 380 -16.85 26.79 -6.53
CA ALA A 380 -17.68 27.38 -5.47
C ALA A 380 -17.42 28.87 -5.43
N PRO A 381 -17.98 29.63 -6.37
CA PRO A 381 -17.79 31.08 -6.37
C PRO A 381 -18.69 31.74 -5.35
N PRO A 382 -18.38 33.00 -4.97
CA PRO A 382 -19.25 33.69 -4.01
C PRO A 382 -20.66 33.82 -4.56
N LEU A 383 -21.64 33.72 -3.64
CA LEU A 383 -23.05 33.71 -4.02
C LEU A 383 -23.55 35.04 -4.55
N VAL A 384 -22.69 36.07 -4.57
CA VAL A 384 -23.04 37.34 -5.18
C VAL A 384 -22.78 37.37 -6.67
N ILE A 385 -22.23 36.29 -7.23
CA ILE A 385 -21.98 36.22 -8.66
C ILE A 385 -23.31 36.39 -9.41
N LYS A 386 -23.25 37.08 -10.54
CA LYS A 386 -24.39 37.25 -11.42
C LYS A 386 -24.24 36.33 -12.62
N GLU A 387 -25.35 36.14 -13.34
CA GLU A 387 -25.36 35.12 -14.39
C GLU A 387 -24.33 35.41 -15.47
N ASP A 388 -24.17 36.67 -15.86
CA ASP A 388 -23.19 36.96 -16.91
C ASP A 388 -21.77 36.74 -16.40
N GLU A 389 -21.48 37.13 -15.16
CA GLU A 389 -20.20 36.82 -14.55
C GLU A 389 -19.99 35.31 -14.49
N LEU A 390 -21.01 34.56 -14.08
CA LEU A 390 -20.89 33.10 -14.03
C LEU A 390 -20.62 32.53 -15.42
N ARG A 391 -21.27 33.07 -16.45
CA ARG A 391 -21.09 32.53 -17.79
C ARG A 391 -19.70 32.86 -18.34
N GLU A 392 -19.16 34.03 -17.99
CA GLU A 392 -17.78 34.32 -18.36
C GLU A 392 -16.81 33.36 -17.67
N SER A 393 -17.04 33.09 -16.38
CA SER A 393 -16.17 32.14 -15.68
C SER A 393 -16.29 30.74 -16.28
N ILE A 394 -17.51 30.35 -16.67
CA ILE A 394 -17.71 29.07 -17.34
C ILE A 394 -16.93 29.03 -18.65
N GLU A 395 -16.92 30.16 -19.36
CA GLU A 395 -16.10 30.28 -20.56
C GLU A 395 -14.62 30.03 -20.24
N ILE A 396 -14.14 30.62 -19.14
CA ILE A 396 -12.76 30.39 -18.72
C ILE A 396 -12.53 28.90 -18.47
N ILE A 397 -13.48 28.25 -17.79
CA ILE A 397 -13.33 26.82 -17.47
C ILE A 397 -13.28 25.99 -18.75
N ASN A 398 -14.14 26.31 -19.72
CA ASN A 398 -14.15 25.60 -21.00
C ASN A 398 -12.82 25.78 -21.72
N LYS A 399 -12.39 27.05 -21.86
CA LYS A 399 -11.11 27.36 -22.48
C LYS A 399 -9.98 26.55 -21.85
N THR A 400 -9.98 26.47 -20.51
CA THR A 400 -8.92 25.76 -19.81
C THR A 400 -8.98 24.26 -20.06
N ILE A 401 -10.17 23.65 -19.87
CA ILE A 401 -10.28 22.21 -20.02
C ILE A 401 -9.95 21.78 -21.44
N LEU A 402 -10.48 22.50 -22.43
CA LEU A 402 -10.20 22.19 -23.82
C LEU A 402 -8.86 22.75 -24.30
N SER A 403 -8.06 23.35 -23.42
CA SER A 403 -6.66 23.63 -23.74
C SER A 403 -5.82 22.38 -23.78
N PHE A 404 -6.24 21.31 -23.09
CA PHE A 404 -5.42 20.12 -22.95
C PHE A 404 -5.66 19.14 -24.09
N PRO B 2 62.03 0.06 7.69
CA PRO B 2 62.65 1.25 7.10
C PRO B 2 61.99 1.84 5.84
N PRO B 3 61.36 1.05 4.97
CA PRO B 3 60.66 1.65 3.83
C PRO B 3 59.62 2.67 4.30
N THR B 4 59.78 3.91 3.85
CA THR B 4 58.79 4.92 4.09
C THR B 4 57.62 4.73 3.14
N SER B 5 56.57 5.54 3.32
CA SER B 5 55.40 5.43 2.45
C SER B 5 55.75 5.75 1.00
N ASP B 6 56.57 6.78 0.77
CA ASP B 6 56.92 7.13 -0.59
C ASP B 6 57.90 6.12 -1.19
N ASP B 7 58.73 5.48 -0.36
CA ASP B 7 59.50 4.32 -0.82
C ASP B 7 58.57 3.25 -1.37
N ILE B 8 57.50 2.96 -0.63
CA ILE B 8 56.55 1.93 -1.02
C ILE B 8 55.86 2.32 -2.34
N PHE B 9 55.43 3.58 -2.42
CA PHE B 9 54.82 4.09 -3.65
C PHE B 9 55.75 3.89 -4.84
N GLU B 10 57.01 4.31 -4.70
CA GLU B 10 57.94 4.29 -5.83
C GLU B 10 58.29 2.86 -6.23
N ARG B 11 58.40 1.95 -5.26
CA ARG B 11 58.71 0.56 -5.60
C ARG B 11 57.57 -0.07 -6.39
N GLU B 12 56.32 0.15 -5.95
CA GLU B 12 55.19 -0.37 -6.72
C GLU B 12 55.13 0.27 -8.09
N TYR B 13 55.45 1.57 -8.19
CA TYR B 13 55.46 2.22 -9.48
C TYR B 13 56.49 1.58 -10.42
N LYS B 14 57.65 1.20 -9.89
CA LYS B 14 58.68 0.65 -10.78
C LYS B 14 58.35 -0.78 -11.20
N TYR B 15 57.91 -1.62 -10.27
CA TYR B 15 57.83 -3.06 -10.54
C TYR B 15 56.42 -3.60 -10.70
N GLY B 16 55.38 -2.81 -10.44
CA GLY B 16 54.01 -3.28 -10.54
C GLY B 16 53.28 -2.60 -11.69
N ALA B 17 52.29 -3.31 -12.25
CA ALA B 17 51.42 -2.70 -13.25
C ALA B 17 50.76 -1.45 -12.69
N HIS B 18 50.43 -0.53 -13.57
CA HIS B 18 49.78 0.72 -13.16
C HIS B 18 48.28 0.67 -13.39
N ASN B 19 47.63 -0.42 -12.98
CA ASN B 19 46.19 -0.55 -13.19
C ASN B 19 45.36 0.09 -12.08
N TYR B 20 46.01 0.66 -11.07
CA TYR B 20 45.32 1.37 -10.01
C TYR B 20 45.99 2.71 -9.76
N HIS B 21 45.21 3.67 -9.26
CA HIS B 21 45.69 4.95 -8.73
C HIS B 21 45.19 5.03 -7.29
N PRO B 22 45.86 4.36 -6.35
CA PRO B 22 45.35 4.30 -4.97
C PRO B 22 45.42 5.65 -4.29
N LEU B 23 44.73 5.74 -3.17
CA LEU B 23 44.89 6.89 -2.28
C LEU B 23 46.28 6.83 -1.66
N PRO B 24 47.03 7.93 -1.65
CA PRO B 24 48.41 7.88 -1.16
C PRO B 24 48.53 7.57 0.33
N VAL B 25 48.41 6.30 0.68
CA VAL B 25 48.56 5.86 2.06
C VAL B 25 49.10 4.43 2.04
N ALA B 26 50.11 4.17 2.86
CA ALA B 26 50.87 2.92 2.81
C ALA B 26 50.60 2.13 4.09
N LEU B 27 49.53 1.35 4.08
CA LEU B 27 49.13 0.63 5.28
C LEU B 27 50.03 -0.57 5.52
N GLU B 28 50.46 -0.73 6.77
CA GLU B 28 51.16 -1.93 7.18
C GLU B 28 50.39 -2.74 8.20
N ARG B 29 49.37 -2.16 8.83
CA ARG B 29 48.80 -2.77 10.02
C ARG B 29 47.28 -2.57 10.06
N GLY B 30 46.53 -3.63 10.43
CA GLY B 30 45.07 -3.57 10.57
C GLY B 30 44.46 -4.44 11.66
N LYS B 31 43.56 -3.86 12.46
CA LYS B 31 42.87 -4.62 13.49
C LYS B 31 41.49 -4.00 13.72
N GLY B 32 40.45 -4.82 13.65
CA GLY B 32 39.10 -4.32 13.83
C GLY B 32 38.78 -3.23 12.84
N ILE B 33 38.43 -2.04 13.35
CA ILE B 33 38.07 -0.90 12.51
C ILE B 33 39.27 -0.03 12.15
N TYR B 34 40.48 -0.43 12.52
CA TYR B 34 41.62 0.47 12.47
C TYR B 34 42.69 -0.04 11.52
N LEU B 35 43.33 0.92 10.84
CA LEU B 35 44.52 0.68 10.05
C LEU B 35 45.64 1.58 10.54
N TRP B 36 46.87 1.16 10.28
CA TRP B 36 48.08 1.89 10.64
C TRP B 36 49.01 1.88 9.45
N ASP B 37 49.51 3.05 9.06
CA ASP B 37 50.50 3.10 8.00
C ASP B 37 51.89 2.82 8.57
N VAL B 38 52.89 2.75 7.68
CA VAL B 38 54.23 2.35 8.10
C VAL B 38 54.87 3.38 9.03
N GLU B 39 54.38 4.62 9.02
CA GLU B 39 54.85 5.65 9.92
C GLU B 39 54.19 5.58 11.30
N GLY B 40 53.26 4.66 11.50
CA GLY B 40 52.60 4.48 12.78
C GLY B 40 51.28 5.20 12.96
N ARG B 41 50.86 5.98 11.98
CA ARG B 41 49.61 6.74 12.10
C ARG B 41 48.41 5.80 12.07
N LYS B 42 47.39 6.13 12.86
CA LYS B 42 46.19 5.32 12.98
C LYS B 42 45.04 5.96 12.21
N TYR B 43 44.22 5.12 11.57
CA TYR B 43 43.12 5.57 10.72
C TYR B 43 41.89 4.72 10.98
N PHE B 44 40.73 5.38 10.95
CA PHE B 44 39.47 4.68 10.77
C PHE B 44 39.36 4.21 9.32
N ASP B 45 39.12 2.92 9.13
CA ASP B 45 38.91 2.37 7.80
C ASP B 45 37.43 2.54 7.45
N PHE B 46 37.14 3.47 6.55
CA PHE B 46 35.77 3.68 6.07
C PHE B 46 35.59 3.23 4.62
N LEU B 47 36.37 2.23 4.21
CA LEU B 47 36.20 1.55 2.94
C LEU B 47 36.02 0.04 3.09
N SER B 48 36.55 -0.55 4.15
CA SER B 48 36.35 -1.96 4.50
C SER B 48 36.67 -2.91 3.33
N SER B 49 37.63 -2.52 2.49
CA SER B 49 38.04 -3.33 1.34
C SER B 49 36.84 -3.66 0.46
N TYR B 50 35.96 -2.67 0.26
CA TYR B 50 34.75 -2.82 -0.54
C TYR B 50 33.82 -3.86 0.06
N SER B 51 33.77 -3.90 1.39
CA SER B 51 32.95 -4.78 2.23
C SER B 51 33.55 -6.17 2.41
N ALA B 52 34.83 -6.37 2.09
CA ALA B 52 35.43 -7.67 2.36
C ALA B 52 35.78 -7.87 3.83
N VAL B 53 35.97 -6.79 4.60
CA VAL B 53 36.28 -6.97 6.02
C VAL B 53 35.15 -6.42 6.88
N ASN B 54 33.90 -6.79 6.54
CA ASN B 54 32.75 -6.47 7.40
C ASN B 54 33.02 -6.80 8.86
N GLN B 55 33.67 -7.92 9.11
CA GLN B 55 34.00 -8.39 10.45
C GLN B 55 35.20 -7.64 11.05
N GLY B 56 35.68 -6.60 10.41
CA GLY B 56 36.90 -5.93 10.81
C GLY B 56 38.15 -6.66 10.36
N HIS B 57 39.27 -5.94 10.34
CA HIS B 57 40.54 -6.53 9.94
C HIS B 57 40.99 -7.57 10.95
N CYS B 58 41.40 -8.73 10.45
CA CYS B 58 42.09 -9.75 11.24
C CYS B 58 41.25 -10.18 12.45
N HIS B 59 39.99 -10.51 12.21
CA HIS B 59 39.14 -10.94 13.31
C HIS B 59 39.71 -12.19 13.94
N PRO B 60 39.95 -12.20 15.26
CA PRO B 60 40.68 -13.31 15.88
C PRO B 60 40.04 -14.68 15.66
N LYS B 61 38.71 -14.76 15.57
CA LYS B 61 38.09 -16.06 15.34
C LYS B 61 38.43 -16.61 13.96
N ILE B 62 38.36 -15.76 12.93
CA ILE B 62 38.70 -16.18 11.57
C ILE B 62 40.19 -16.47 11.46
N VAL B 63 41.02 -15.62 12.08
CA VAL B 63 42.46 -15.84 12.10
C VAL B 63 42.78 -17.20 12.71
N ASN B 64 42.10 -17.55 13.80
CA ASN B 64 42.34 -18.83 14.44
C ASN B 64 41.87 -19.99 13.59
N ALA B 65 40.75 -19.81 12.86
CA ALA B 65 40.32 -20.85 11.92
C ALA B 65 41.40 -21.11 10.87
N LEU B 66 41.95 -20.03 10.31
CA LEU B 66 43.01 -20.16 9.30
C LEU B 66 44.23 -20.88 9.87
N LYS B 67 44.70 -20.42 11.04
CA LYS B 67 45.88 -21.02 11.67
C LYS B 67 45.67 -22.48 12.01
N SER B 68 44.45 -22.84 12.44
CA SER B 68 44.19 -24.23 12.78
C SER B 68 44.19 -25.11 11.54
N GLN B 69 43.60 -24.65 10.43
CA GLN B 69 43.50 -25.55 9.29
C GLN B 69 44.79 -25.61 8.47
N VAL B 70 45.60 -24.55 8.50
CA VAL B 70 46.79 -24.52 7.65
C VAL B 70 47.80 -25.62 8.02
N ASP B 71 47.77 -26.11 9.26
CA ASP B 71 48.70 -27.15 9.68
C ASP B 71 48.23 -28.55 9.31
N LYS B 72 46.97 -28.70 8.90
CA LYS B 72 46.41 -30.01 8.56
C LYS B 72 46.39 -30.27 7.06
N LEU B 73 45.81 -29.35 6.29
CA LEU B 73 45.55 -29.56 4.87
C LEU B 73 45.02 -28.27 4.25
N THR B 74 45.60 -27.82 3.13
CA THR B 74 45.14 -26.60 2.49
C THR B 74 44.55 -26.78 1.10
N LEU B 75 44.90 -27.85 0.37
CA LEU B 75 44.43 -27.99 -1.00
C LEU B 75 44.60 -29.41 -1.49
N THR B 76 43.49 -30.07 -1.80
CA THR B 76 43.50 -31.35 -2.49
C THR B 76 43.14 -31.24 -3.96
N SER B 77 42.57 -30.11 -4.38
CA SER B 77 41.76 -30.00 -5.60
C SER B 77 40.49 -30.84 -5.45
N ARG B 78 39.46 -30.52 -6.22
CA ARG B 78 38.21 -31.29 -6.14
C ARG B 78 38.28 -32.59 -6.93
N ALA B 79 39.48 -32.97 -7.39
CA ALA B 79 39.69 -34.31 -7.93
C ALA B 79 39.59 -35.38 -6.84
N PHE B 80 39.81 -34.99 -5.59
CA PHE B 80 39.63 -35.84 -4.42
C PHE B 80 38.65 -35.15 -3.48
N TYR B 81 38.12 -35.90 -2.50
CA TYR B 81 37.34 -35.26 -1.46
C TYR B 81 38.24 -34.84 -0.31
N ASN B 82 37.85 -33.76 0.35
CA ASN B 82 38.39 -33.40 1.65
C ASN B 82 37.24 -33.34 2.65
N ASN B 83 37.59 -33.32 3.93
CA ASN B 83 36.59 -33.45 4.99
C ASN B 83 35.91 -32.13 5.36
N VAL B 84 36.42 -30.99 4.89
CA VAL B 84 35.88 -29.71 5.30
C VAL B 84 34.77 -29.20 4.37
N LEU B 85 34.87 -29.51 3.08
CA LEU B 85 34.05 -28.82 2.08
C LEU B 85 32.57 -29.09 2.29
N GLY B 86 32.20 -30.35 2.53
CA GLY B 86 30.80 -30.68 2.74
C GLY B 86 30.23 -30.09 4.02
N GLU B 87 31.05 -29.99 5.07
CA GLU B 87 30.63 -29.29 6.29
C GLU B 87 30.25 -27.85 5.96
N TYR B 88 31.14 -27.15 5.23
CA TYR B 88 30.85 -25.76 4.85
C TYR B 88 29.62 -25.69 3.94
N GLU B 89 29.48 -26.64 3.02
CA GLU B 89 28.35 -26.62 2.09
C GLU B 89 27.03 -26.75 2.85
N GLU B 90 26.94 -27.74 3.74
CA GLU B 90 25.73 -27.87 4.56
C GLU B 90 25.46 -26.59 5.34
N TYR B 91 26.50 -26.02 5.97
CA TYR B 91 26.30 -24.81 6.76
C TYR B 91 25.74 -23.67 5.91
N ILE B 92 26.39 -23.36 4.78
CA ILE B 92 25.99 -22.16 4.04
C ILE B 92 24.64 -22.37 3.35
N THR B 93 24.40 -23.57 2.80
CA THR B 93 23.12 -23.83 2.16
C THR B 93 21.96 -23.75 3.15
N LYS B 94 22.14 -24.30 4.36
CA LYS B 94 21.06 -24.17 5.34
C LYS B 94 20.93 -22.74 5.85
N LEU B 95 22.03 -22.00 5.90
CA LEU B 95 21.96 -20.61 6.36
C LEU B 95 21.15 -19.74 5.40
N PHE B 96 21.33 -19.93 4.09
CA PHE B 96 20.61 -19.09 3.13
C PHE B 96 19.39 -19.76 2.51
N ASN B 97 19.13 -21.02 2.86
CA ASN B 97 17.95 -21.77 2.43
C ASN B 97 17.92 -21.97 0.92
N TYR B 98 18.99 -22.60 0.41
CA TYR B 98 19.08 -23.08 -0.95
C TYR B 98 19.56 -24.52 -0.91
N HIS B 99 19.21 -25.28 -1.95
CA HIS B 99 19.62 -26.69 -1.99
C HIS B 99 21.13 -26.82 -2.00
N LYS B 100 21.81 -26.05 -2.85
CA LYS B 100 23.21 -26.33 -3.10
C LYS B 100 24.01 -25.05 -3.23
N VAL B 101 25.31 -25.22 -3.08
CA VAL B 101 26.28 -24.15 -3.30
C VAL B 101 27.37 -24.68 -4.22
N LEU B 102 27.85 -23.81 -5.11
CA LEU B 102 29.00 -24.10 -5.96
C LEU B 102 30.11 -23.16 -5.52
N PRO B 103 31.23 -23.69 -5.01
CA PRO B 103 32.28 -22.82 -4.46
C PRO B 103 33.24 -22.33 -5.53
N MET B 104 33.58 -21.04 -5.45
CA MET B 104 34.59 -20.45 -6.32
C MET B 104 35.46 -19.55 -5.46
N ASN B 105 36.37 -18.80 -6.08
CA ASN B 105 37.33 -18.02 -5.31
C ASN B 105 37.00 -16.54 -5.27
N THR B 106 36.86 -15.91 -6.43
CA THR B 106 36.64 -14.47 -6.49
C THR B 106 35.21 -14.17 -6.89
N GLY B 107 34.81 -12.91 -6.67
CA GLY B 107 33.46 -12.49 -7.02
C GLY B 107 33.16 -12.67 -8.50
N VAL B 108 34.09 -12.22 -9.36
CA VAL B 108 33.82 -12.32 -10.80
C VAL B 108 33.69 -13.78 -11.22
N GLU B 109 34.36 -14.70 -10.51
CA GLU B 109 34.20 -16.12 -10.80
C GLU B 109 32.81 -16.60 -10.45
N ALA B 110 32.25 -16.12 -9.34
CA ALA B 110 30.85 -16.44 -9.03
C ALA B 110 29.92 -15.91 -10.11
N GLY B 111 30.17 -14.69 -10.59
CA GLY B 111 29.36 -14.15 -11.68
C GLY B 111 29.44 -14.97 -12.94
N GLU B 112 30.66 -15.38 -13.32
CA GLU B 112 30.82 -16.22 -14.51
C GLU B 112 30.09 -17.55 -14.34
N THR B 113 30.21 -18.14 -13.15
CA THR B 113 29.52 -19.38 -12.87
C THR B 113 28.02 -19.21 -13.00
N ALA B 114 27.49 -18.10 -12.49
CA ALA B 114 26.05 -17.86 -12.59
C ALA B 114 25.62 -17.69 -14.04
N CYS B 115 26.45 -17.02 -14.84
CA CYS B 115 26.15 -16.91 -16.27
C CYS B 115 26.12 -18.27 -16.94
N LYS B 116 27.09 -19.13 -16.60
CA LYS B 116 27.11 -20.46 -17.19
C LYS B 116 25.91 -21.30 -16.75
N LEU B 117 25.53 -21.20 -15.48
CA LEU B 117 24.33 -21.86 -14.99
C LEU B 117 23.08 -21.35 -15.72
N ALA B 118 22.97 -20.02 -15.88
CA ALA B 118 21.82 -19.45 -16.56
C ALA B 118 21.73 -19.96 -17.99
N ARG B 119 22.85 -19.99 -18.71
CA ARG B 119 22.83 -20.47 -20.08
C ARG B 119 22.51 -21.96 -20.14
N LYS B 120 23.17 -22.76 -19.31
CA LYS B 120 22.93 -24.20 -19.35
C LYS B 120 21.48 -24.52 -19.01
N TRP B 121 20.92 -23.82 -18.02
CA TRP B 121 19.51 -23.99 -17.69
C TRP B 121 18.63 -23.52 -18.83
N GLY B 122 19.01 -22.42 -19.49
CA GLY B 122 18.20 -21.90 -20.58
C GLY B 122 18.10 -22.88 -21.72
N TYR B 123 19.21 -23.54 -22.05
CA TYR B 123 19.19 -24.51 -23.14
C TYR B 123 18.54 -25.82 -22.71
N THR B 124 18.95 -26.38 -21.56
CA THR B 124 18.53 -27.73 -21.20
C THR B 124 17.17 -27.80 -20.50
N VAL B 125 16.70 -26.72 -19.89
CA VAL B 125 15.43 -26.73 -19.16
C VAL B 125 14.40 -25.82 -19.81
N LYS B 126 14.76 -24.56 -20.07
CA LYS B 126 13.79 -23.67 -20.71
C LYS B 126 13.59 -24.03 -22.17
N GLY B 127 14.58 -24.67 -22.79
CA GLY B 127 14.45 -25.10 -24.18
C GLY B 127 14.86 -24.08 -25.21
N ILE B 128 15.69 -23.10 -24.84
CA ILE B 128 16.24 -22.17 -25.81
C ILE B 128 17.16 -22.93 -26.76
N GLN B 129 17.10 -22.58 -28.05
CA GLN B 129 17.97 -23.19 -29.04
C GLN B 129 19.40 -22.69 -28.83
N LYS B 130 20.37 -23.61 -28.92
CA LYS B 130 21.77 -23.19 -28.84
C LYS B 130 22.17 -22.46 -30.12
N TYR B 131 22.82 -21.30 -30.01
CA TYR B 131 23.16 -20.63 -28.75
C TYR B 131 22.53 -19.26 -28.70
N LYS B 132 21.21 -19.22 -28.55
CA LYS B 132 20.45 -17.98 -28.58
C LYS B 132 20.12 -17.39 -27.22
N ALA B 133 20.65 -17.94 -26.13
CA ALA B 133 20.26 -17.48 -24.80
C ALA B 133 20.84 -16.10 -24.50
N LYS B 134 20.02 -15.26 -23.87
CA LYS B 134 20.42 -13.92 -23.49
C LYS B 134 20.38 -13.77 -21.98
N ILE B 135 21.30 -12.97 -21.46
CA ILE B 135 21.30 -12.54 -20.06
C ILE B 135 21.18 -11.02 -20.06
N VAL B 136 20.25 -10.51 -19.26
CA VAL B 136 20.00 -9.08 -19.13
C VAL B 136 20.74 -8.55 -17.90
N PHE B 137 21.31 -7.35 -18.03
CA PHE B 137 22.04 -6.68 -16.98
C PHE B 137 21.50 -5.27 -16.85
N ALA B 138 21.78 -4.64 -15.71
CA ALA B 138 21.36 -3.26 -15.49
C ALA B 138 22.53 -2.31 -15.69
N ALA B 139 22.27 -1.21 -16.38
CA ALA B 139 23.28 -0.17 -16.56
C ALA B 139 23.80 0.30 -15.21
N GLY B 140 25.11 0.53 -15.13
CA GLY B 140 25.79 0.84 -13.90
C GLY B 140 26.34 -0.35 -13.15
N ASN B 141 26.08 -1.57 -13.63
CA ASN B 141 26.53 -2.76 -12.93
C ASN B 141 28.04 -2.85 -12.93
N PHE B 142 28.57 -3.47 -11.88
CA PHE B 142 29.98 -3.83 -11.83
C PHE B 142 30.11 -5.19 -11.16
N TRP B 143 30.63 -6.18 -11.88
CA TRP B 143 30.84 -7.47 -11.24
C TRP B 143 32.19 -8.10 -11.54
N GLY B 144 33.19 -7.32 -11.92
CA GLY B 144 34.53 -7.84 -12.09
C GLY B 144 35.14 -7.36 -13.38
N ARG B 145 36.34 -7.88 -13.68
CA ARG B 145 37.13 -7.39 -14.80
C ARG B 145 37.44 -8.46 -15.85
N THR B 146 36.76 -9.61 -15.84
CA THR B 146 36.94 -10.52 -16.96
C THR B 146 36.33 -9.92 -18.23
N LEU B 147 36.64 -10.54 -19.37
CA LEU B 147 36.07 -10.07 -20.63
C LEU B 147 34.55 -10.13 -20.60
N SER B 148 34.00 -11.22 -20.04
CA SER B 148 32.55 -11.30 -19.84
C SER B 148 32.05 -10.13 -19.01
N ALA B 149 32.68 -9.88 -17.86
CA ALA B 149 32.16 -8.87 -16.95
C ALA B 149 32.18 -7.49 -17.57
N ILE B 150 33.27 -7.13 -18.27
CA ILE B 150 33.30 -5.82 -18.90
C ILE B 150 32.38 -5.76 -20.11
N SER B 151 31.93 -6.91 -20.63
CA SER B 151 31.02 -6.86 -21.76
C SER B 151 29.60 -6.47 -21.38
N SER B 152 29.26 -6.46 -20.09
CA SER B 152 27.96 -5.97 -19.63
C SER B 152 28.03 -4.55 -19.06
N SER B 153 29.21 -3.94 -19.07
CA SER B 153 29.41 -2.65 -18.41
C SER B 153 28.99 -1.50 -19.31
N THR B 154 28.50 -0.42 -18.68
CA THR B 154 28.26 0.82 -19.39
C THR B 154 29.34 1.86 -19.09
N ASP B 155 30.42 1.47 -18.41
CA ASP B 155 31.49 2.37 -18.06
C ASP B 155 32.61 2.24 -19.08
N PRO B 156 32.88 3.27 -19.89
CA PRO B 156 33.90 3.16 -20.94
C PRO B 156 35.28 2.80 -20.42
N THR B 157 35.64 3.19 -19.20
CA THR B 157 36.96 2.81 -18.70
C THR B 157 37.07 1.30 -18.50
N SER B 158 35.95 0.61 -18.31
CA SER B 158 36.06 -0.84 -18.11
C SER B 158 36.15 -1.58 -19.43
N TYR B 159 35.47 -1.11 -20.49
CA TYR B 159 35.44 -1.87 -21.74
C TYR B 159 36.30 -1.30 -22.86
N ASP B 160 36.66 -0.02 -22.81
CA ASP B 160 37.36 0.61 -23.94
C ASP B 160 38.68 -0.10 -24.20
N GLY B 161 38.89 -0.49 -25.46
CA GLY B 161 40.15 -1.09 -25.87
C GLY B 161 40.29 -2.56 -25.55
N PHE B 162 39.24 -3.24 -25.12
CA PHE B 162 39.38 -4.63 -24.66
C PHE B 162 38.70 -5.62 -25.61
N GLY B 163 38.86 -5.38 -26.93
CA GLY B 163 38.60 -6.35 -27.99
C GLY B 163 37.12 -6.50 -28.13
N PRO B 164 36.66 -7.41 -28.98
CA PRO B 164 35.21 -7.58 -29.16
C PRO B 164 34.59 -8.18 -27.91
N PHE B 165 33.29 -7.99 -27.78
CA PHE B 165 32.62 -8.23 -26.52
C PHE B 165 31.73 -9.46 -26.57
N MET B 166 31.42 -9.98 -25.38
CA MET B 166 30.66 -11.22 -25.27
C MET B 166 29.26 -11.02 -25.83
N PRO B 167 28.83 -11.85 -26.77
CA PRO B 167 27.45 -11.74 -27.27
C PRO B 167 26.44 -12.29 -26.25
N GLY B 168 25.18 -11.93 -26.46
CA GLY B 168 24.10 -12.43 -25.63
C GLY B 168 23.91 -11.71 -24.33
N PHE B 169 24.53 -10.54 -24.16
CA PHE B 169 24.38 -9.71 -22.97
C PHE B 169 23.62 -8.46 -23.39
N ASP B 170 22.43 -8.25 -22.84
CA ASP B 170 21.66 -7.06 -23.09
C ASP B 170 21.64 -6.18 -21.85
N ILE B 171 21.64 -4.86 -22.03
CA ILE B 171 21.70 -3.91 -20.92
C ILE B 171 20.44 -3.06 -20.93
N ILE B 172 19.82 -2.91 -19.77
CA ILE B 172 18.64 -2.06 -19.57
C ILE B 172 18.95 -1.08 -18.45
N PRO B 173 18.16 -0.01 -18.32
CA PRO B 173 18.36 0.89 -17.18
C PRO B 173 18.10 0.18 -15.86
N TYR B 174 18.91 0.53 -14.86
CA TYR B 174 18.65 0.16 -13.48
C TYR B 174 17.35 0.82 -13.01
N ASN B 175 16.73 0.20 -12.00
CA ASN B 175 15.59 0.81 -11.31
C ASN B 175 14.45 1.11 -12.29
N ASP B 176 14.16 0.16 -13.19
CA ASP B 176 13.25 0.42 -14.30
C ASP B 176 12.50 -0.87 -14.62
N LEU B 177 11.38 -1.08 -13.95
CA LEU B 177 10.56 -2.27 -14.14
C LEU B 177 9.96 -2.36 -15.53
N PRO B 178 9.45 -1.27 -16.12
CA PRO B 178 8.95 -1.39 -17.51
C PRO B 178 10.01 -1.83 -18.50
N ALA B 179 11.23 -1.31 -18.39
CA ALA B 179 12.31 -1.77 -19.27
C ALA B 179 12.56 -3.25 -19.08
N LEU B 180 12.54 -3.73 -17.83
CA LEU B 180 12.74 -5.15 -17.59
C LEU B 180 11.65 -5.99 -18.24
N GLU B 181 10.38 -5.58 -18.05
CA GLU B 181 9.27 -6.33 -18.63
C GLU B 181 9.39 -6.38 -20.16
N ARG B 182 9.76 -5.25 -20.77
CA ARG B 182 9.97 -5.25 -22.22
C ARG B 182 11.08 -6.21 -22.60
N ALA B 183 12.19 -6.20 -21.87
CA ALA B 183 13.28 -7.11 -22.21
C ALA B 183 12.86 -8.57 -22.07
N LEU B 184 12.04 -8.89 -21.05
CA LEU B 184 11.66 -10.26 -20.79
C LEU B 184 10.55 -10.75 -21.72
N GLN B 185 9.98 -9.86 -22.55
CA GLN B 185 9.13 -10.34 -23.63
C GLN B 185 9.84 -11.34 -24.55
N ASP B 186 11.16 -11.26 -24.68
CA ASP B 186 11.90 -12.20 -25.56
C ASP B 186 12.07 -13.53 -24.84
N PRO B 187 11.52 -14.63 -25.37
CA PRO B 187 11.66 -15.93 -24.69
C PRO B 187 13.07 -16.50 -24.69
N ASN B 188 14.02 -15.92 -25.43
CA ASN B 188 15.40 -16.40 -25.36
C ASN B 188 16.17 -15.81 -24.18
N VAL B 189 15.57 -14.92 -23.40
CA VAL B 189 16.20 -14.46 -22.18
C VAL B 189 16.19 -15.59 -21.16
N ALA B 190 17.38 -15.92 -20.65
CA ALA B 190 17.51 -16.92 -19.61
C ALA B 190 17.58 -16.34 -18.20
N ALA B 191 18.09 -15.11 -18.05
CA ALA B 191 18.40 -14.60 -16.73
C ALA B 191 18.47 -13.08 -16.75
N PHE B 192 18.24 -12.51 -15.57
CA PHE B 192 18.50 -11.11 -15.27
C PHE B 192 19.42 -11.07 -14.07
N MET B 193 20.61 -10.50 -14.21
CA MET B 193 21.55 -10.35 -13.11
C MET B 193 21.56 -8.91 -12.66
N VAL B 194 21.45 -8.70 -11.34
CA VAL B 194 21.32 -7.34 -10.83
C VAL B 194 21.83 -7.29 -9.39
N GLU B 195 22.38 -6.12 -9.00
CA GLU B 195 22.76 -5.75 -7.64
C GLU B 195 21.57 -5.12 -6.93
N PRO B 196 21.21 -5.59 -5.73
CA PRO B 196 20.11 -4.94 -5.00
C PRO B 196 20.39 -3.49 -4.68
N ILE B 197 21.66 -3.16 -4.47
CA ILE B 197 22.17 -1.78 -4.44
C ILE B 197 23.47 -1.80 -5.24
N GLN B 198 23.60 -0.89 -6.19
CA GLN B 198 24.80 -0.85 -7.01
C GLN B 198 25.93 -0.18 -6.25
N GLY B 199 26.97 -0.96 -5.93
CA GLY B 199 28.07 -0.47 -5.12
C GLY B 199 29.03 0.44 -5.85
N GLU B 200 29.77 -0.13 -6.82
CA GLU B 200 30.77 0.63 -7.56
C GLU B 200 30.17 1.85 -8.24
N ALA B 201 28.89 1.77 -8.62
CA ALA B 201 28.24 2.91 -9.26
C ALA B 201 28.07 4.10 -8.32
N GLY B 202 28.21 3.89 -7.01
CA GLY B 202 28.12 4.97 -6.04
C GLY B 202 26.99 4.82 -5.06
N VAL B 203 26.74 3.58 -4.63
CA VAL B 203 25.64 3.24 -3.74
C VAL B 203 24.34 3.78 -4.35
N VAL B 204 23.94 3.20 -5.48
CA VAL B 204 22.71 3.58 -6.15
C VAL B 204 21.61 2.68 -5.62
N VAL B 205 20.73 3.25 -4.80
CA VAL B 205 19.64 2.50 -4.17
C VAL B 205 18.42 2.60 -5.06
N PRO B 206 17.83 1.48 -5.48
CA PRO B 206 16.62 1.55 -6.30
C PRO B 206 15.39 1.83 -5.45
N ASP B 207 14.34 2.29 -6.12
CA ASP B 207 13.13 2.68 -5.43
C ASP B 207 12.53 1.48 -4.69
N PRO B 208 11.88 1.72 -3.54
CA PRO B 208 11.18 0.64 -2.84
C PRO B 208 10.21 -0.07 -3.79
N GLY B 209 10.18 -1.41 -3.69
CA GLY B 209 9.38 -2.22 -4.57
C GLY B 209 10.07 -2.68 -5.85
N TYR B 210 11.25 -2.12 -6.16
CA TYR B 210 11.96 -2.54 -7.37
C TYR B 210 12.28 -4.03 -7.32
N LEU B 211 12.80 -4.50 -6.19
CA LEU B 211 13.21 -5.90 -6.10
C LEU B 211 12.00 -6.84 -6.12
N MET B 212 10.94 -6.48 -5.38
CA MET B 212 9.69 -7.24 -5.47
C MET B 212 9.21 -7.36 -6.91
N GLY B 213 9.28 -6.27 -7.68
CA GLY B 213 8.81 -6.29 -9.05
C GLY B 213 9.71 -7.09 -9.98
N VAL B 214 11.04 -6.99 -9.79
CA VAL B 214 11.95 -7.85 -10.54
C VAL B 214 11.63 -9.32 -10.28
N ARG B 215 11.40 -9.68 -9.01
CA ARG B 215 11.08 -11.06 -8.68
C ARG B 215 9.81 -11.51 -9.41
N GLU B 216 8.77 -10.67 -9.35
CA GLU B 216 7.51 -11.01 -10.03
C GLU B 216 7.71 -11.19 -11.53
N LEU B 217 8.44 -10.27 -12.17
CA LEU B 217 8.62 -10.34 -13.61
C LEU B 217 9.43 -11.55 -14.02
N CYS B 218 10.48 -11.87 -13.26
CA CYS B 218 11.31 -13.02 -13.58
C CYS B 218 10.53 -14.31 -13.44
N THR B 219 9.73 -14.42 -12.37
CA THR B 219 8.93 -15.62 -12.19
C THR B 219 7.90 -15.78 -13.30
N ARG B 220 7.22 -14.68 -13.68
CA ARG B 220 6.18 -14.79 -14.71
C ARG B 220 6.76 -15.26 -16.04
N HIS B 221 7.95 -14.78 -16.40
CA HIS B 221 8.50 -15.06 -17.72
C HIS B 221 9.49 -16.20 -17.73
N GLN B 222 9.58 -16.98 -16.63
CA GLN B 222 10.49 -18.11 -16.55
C GLN B 222 11.91 -17.66 -16.84
N VAL B 223 12.35 -16.65 -16.10
CA VAL B 223 13.68 -16.05 -16.23
C VAL B 223 14.34 -16.12 -14.85
N LEU B 224 15.60 -16.53 -14.82
CA LEU B 224 16.31 -16.63 -13.55
C LEU B 224 16.66 -15.25 -13.00
N PHE B 225 16.36 -15.03 -11.71
CA PHE B 225 16.74 -13.82 -11.00
C PHE B 225 18.08 -14.09 -10.32
N ILE B 226 19.16 -13.49 -10.83
CA ILE B 226 20.49 -13.60 -10.26
C ILE B 226 20.76 -12.33 -9.47
N ALA B 227 20.89 -12.47 -8.16
CA ALA B 227 21.20 -11.34 -7.28
C ALA B 227 22.68 -11.37 -6.93
N ASP B 228 23.37 -10.31 -7.31
CA ASP B 228 24.78 -10.15 -6.96
C ASP B 228 24.83 -9.47 -5.59
N GLU B 229 24.98 -10.27 -4.54
CA GLU B 229 25.14 -9.75 -3.20
C GLU B 229 26.60 -9.83 -2.73
N ILE B 230 27.54 -9.80 -3.69
CA ILE B 230 28.94 -9.90 -3.32
C ILE B 230 29.36 -8.71 -2.46
N GLN B 231 28.82 -7.53 -2.73
CA GLN B 231 29.11 -6.36 -1.91
C GLN B 231 27.98 -6.01 -0.94
N THR B 232 26.72 -6.26 -1.30
CA THR B 232 25.60 -5.86 -0.46
C THR B 232 25.22 -6.89 0.59
N GLY B 233 25.67 -8.13 0.46
CA GLY B 233 25.24 -9.18 1.35
C GLY B 233 26.01 -9.18 2.67
N LEU B 234 25.76 -10.22 3.46
CA LEU B 234 26.53 -10.51 4.66
C LEU B 234 26.54 -9.31 5.63
N ALA B 235 25.34 -8.80 5.93
CA ALA B 235 25.03 -7.85 7.00
C ALA B 235 25.40 -6.41 6.66
N ARG B 236 26.01 -6.15 5.50
CA ARG B 236 26.52 -4.81 5.22
C ARG B 236 25.41 -3.77 5.15
N THR B 237 24.25 -4.14 4.60
CA THR B 237 23.15 -3.21 4.48
C THR B 237 22.14 -3.33 5.63
N GLY B 238 22.45 -4.14 6.64
CA GLY B 238 21.56 -4.33 7.76
C GLY B 238 20.76 -5.62 7.76
N ARG B 239 20.95 -6.48 6.77
CA ARG B 239 20.27 -7.77 6.71
C ARG B 239 21.27 -8.81 6.22
N TRP B 240 20.90 -10.08 6.33
CA TRP B 240 21.74 -11.14 5.76
C TRP B 240 21.97 -10.90 4.27
N LEU B 241 20.93 -10.51 3.55
CA LEU B 241 21.02 -10.09 2.16
C LEU B 241 20.21 -8.83 1.99
N ALA B 242 20.66 -7.96 1.08
CA ALA B 242 19.88 -6.75 0.82
C ALA B 242 18.48 -7.08 0.31
N VAL B 243 18.34 -8.17 -0.47
CA VAL B 243 17.01 -8.56 -0.95
C VAL B 243 16.04 -8.81 0.19
N ASP B 244 16.56 -9.15 1.39
CA ASP B 244 15.70 -9.41 2.54
C ASP B 244 14.83 -8.22 2.89
N TYR B 245 15.24 -7.00 2.55
CA TYR B 245 14.41 -5.84 2.84
C TYR B 245 13.07 -5.89 2.14
N GLU B 246 12.95 -6.62 1.02
CA GLU B 246 11.68 -6.72 0.34
C GLU B 246 11.19 -8.16 0.28
N ASN B 247 11.72 -9.03 1.16
CA ASN B 247 11.31 -10.43 1.27
C ASN B 247 11.52 -11.20 -0.04
N VAL B 248 12.52 -10.84 -0.83
CA VAL B 248 12.68 -11.39 -2.18
C VAL B 248 13.65 -12.56 -2.13
N ARG B 249 13.27 -13.67 -2.78
CA ARG B 249 14.14 -14.84 -2.89
C ARG B 249 14.64 -14.96 -4.32
N PRO B 250 15.88 -14.56 -4.62
CA PRO B 250 16.40 -14.74 -5.97
C PRO B 250 16.57 -16.21 -6.31
N ASP B 251 16.68 -16.46 -7.62
CA ASP B 251 16.95 -17.82 -8.08
C ASP B 251 18.40 -18.21 -7.84
N ILE B 252 19.33 -17.29 -8.05
CA ILE B 252 20.74 -17.53 -7.79
C ILE B 252 21.25 -16.38 -6.95
N VAL B 253 21.98 -16.68 -5.89
CA VAL B 253 22.60 -15.65 -5.05
C VAL B 253 24.11 -15.78 -5.15
N LEU B 254 24.79 -14.66 -5.42
CA LEU B 254 26.25 -14.62 -5.46
C LEU B 254 26.76 -13.99 -4.18
N LEU B 255 27.69 -14.67 -3.52
CA LEU B 255 28.35 -14.13 -2.34
C LEU B 255 29.85 -14.08 -2.55
N GLY B 256 30.49 -13.05 -2.01
CA GLY B 256 31.93 -12.90 -2.13
C GLY B 256 32.54 -12.58 -0.79
N LYS B 257 32.43 -11.21 -0.38
CA LYS B 257 33.74 -10.61 -0.34
C LYS B 257 34.27 -10.67 1.09
N ALA B 258 33.16 -10.46 1.97
CA ALA B 258 33.14 -10.64 3.42
C ALA B 258 32.93 -12.10 3.79
N LEU B 259 32.68 -12.95 2.78
CA LEU B 259 32.49 -14.38 3.02
C LEU B 259 33.68 -15.01 3.72
N SER B 260 34.85 -14.36 3.67
CA SER B 260 36.05 -14.85 4.32
C SER B 260 36.58 -13.90 5.36
N GLY B 261 35.91 -12.78 5.61
CA GLY B 261 36.49 -11.76 6.48
C GLY B 261 37.77 -11.17 5.95
N GLY B 262 38.01 -11.25 4.64
CA GLY B 262 39.20 -10.69 4.05
C GLY B 262 40.45 -11.53 4.17
N LEU B 263 40.33 -12.76 4.68
CA LEU B 263 41.47 -13.61 4.95
C LEU B 263 41.82 -14.58 3.83
N TYR B 264 40.95 -14.72 2.82
CA TYR B 264 41.12 -15.71 1.77
C TYR B 264 40.09 -15.41 0.67
N PRO B 265 40.42 -15.56 -0.61
CA PRO B 265 39.40 -15.33 -1.63
C PRO B 265 38.43 -16.50 -1.67
N VAL B 266 37.22 -16.28 -1.17
CA VAL B 266 36.15 -17.27 -1.18
C VAL B 266 34.90 -16.63 -1.76
N SER B 267 34.29 -17.27 -2.75
CA SER B 267 33.00 -16.85 -3.26
C SER B 267 32.10 -18.08 -3.39
N ALA B 268 30.81 -17.81 -3.49
CA ALA B 268 29.82 -18.86 -3.48
C ALA B 268 28.70 -18.54 -4.46
N VAL B 269 28.18 -19.57 -5.12
CA VAL B 269 26.98 -19.47 -5.94
C VAL B 269 25.91 -20.39 -5.33
N LEU B 270 24.81 -19.80 -4.87
CA LEU B 270 23.76 -20.56 -4.20
C LEU B 270 22.55 -20.67 -5.11
N CYS B 271 22.03 -21.90 -5.25
CA CYS B 271 20.74 -22.06 -5.91
C CYS B 271 20.23 -23.49 -5.70
N ASP B 272 18.98 -23.70 -6.11
CA ASP B 272 18.30 -24.97 -5.93
C ASP B 272 18.69 -25.97 -7.02
N ASP B 273 18.27 -27.23 -6.80
CA ASP B 273 18.73 -28.36 -7.60
C ASP B 273 18.37 -28.20 -9.09
N ASP B 274 17.18 -27.68 -9.39
CA ASP B 274 16.73 -27.59 -10.78
C ASP B 274 17.64 -26.71 -11.62
N ILE B 275 18.32 -25.75 -11.00
CA ILE B 275 19.32 -24.94 -11.69
C ILE B 275 20.71 -25.55 -11.56
N MET B 276 21.12 -25.80 -10.32
CA MET B 276 22.50 -26.22 -10.06
C MET B 276 22.86 -27.48 -10.83
N LEU B 277 21.95 -28.44 -10.90
CA LEU B 277 22.32 -29.72 -11.48
C LEU B 277 22.27 -29.73 -13.01
N THR B 278 22.06 -28.59 -13.67
CA THR B 278 22.24 -28.55 -15.12
C THR B 278 23.71 -28.70 -15.49
N ILE B 279 24.62 -28.38 -14.58
CA ILE B 279 26.05 -28.56 -14.83
C ILE B 279 26.45 -29.92 -14.30
N LYS B 280 26.94 -30.77 -15.18
CA LYS B 280 27.29 -32.14 -14.90
C LYS B 280 28.78 -32.26 -14.58
N PRO B 281 29.21 -33.36 -13.94
CA PRO B 281 30.63 -33.49 -13.58
C PRO B 281 31.55 -33.28 -14.76
N GLY B 282 32.63 -32.54 -14.52
CA GLY B 282 33.60 -32.24 -15.54
C GLY B 282 33.30 -31.00 -16.35
N GLU B 283 32.15 -30.35 -16.13
CA GLU B 283 31.70 -29.24 -16.97
C GLU B 283 31.97 -27.86 -16.37
N HIS B 284 32.50 -27.78 -15.15
CA HIS B 284 32.85 -26.50 -14.57
C HIS B 284 33.73 -26.75 -13.35
N GLY B 285 34.58 -25.78 -13.03
CA GLY B 285 35.44 -25.96 -11.88
C GLY B 285 36.44 -24.83 -11.72
N SER B 286 37.41 -25.11 -10.86
CA SER B 286 38.41 -24.14 -10.42
C SER B 286 39.39 -24.88 -9.54
N THR B 287 40.69 -24.62 -9.73
CA THR B 287 41.70 -25.31 -8.94
C THR B 287 41.46 -25.12 -7.44
N TYR B 288 41.33 -23.87 -7.00
CA TYR B 288 41.24 -23.56 -5.58
C TYR B 288 39.80 -23.51 -5.05
N GLY B 289 38.80 -23.56 -5.92
CA GLY B 289 37.44 -23.47 -5.44
C GLY B 289 37.06 -24.59 -4.50
N GLY B 290 36.59 -24.25 -3.29
CA GLY B 290 36.19 -25.26 -2.33
C GLY B 290 37.32 -25.88 -1.54
N ASN B 291 38.49 -25.27 -1.54
CA ASN B 291 39.60 -25.85 -0.79
C ASN B 291 39.32 -25.78 0.72
N PRO B 292 39.89 -26.71 1.49
CA PRO B 292 39.54 -26.79 2.93
C PRO B 292 39.94 -25.57 3.74
N LEU B 293 41.07 -24.93 3.42
CA LEU B 293 41.49 -23.72 4.15
C LEU B 293 40.46 -22.61 4.00
N GLY B 294 40.07 -22.32 2.75
CA GLY B 294 39.05 -21.31 2.53
C GLY B 294 37.72 -21.64 3.19
N CYS B 295 37.33 -22.92 3.16
CA CYS B 295 36.07 -23.34 3.78
C CYS B 295 36.07 -23.10 5.29
N ARG B 296 37.18 -23.46 5.97
CA ARG B 296 37.26 -23.17 7.41
C ARG B 296 37.16 -21.68 7.68
N VAL B 297 37.88 -20.88 6.87
CA VAL B 297 37.82 -19.42 7.05
C VAL B 297 36.40 -18.91 6.85
N ALA B 298 35.69 -19.47 5.87
CA ALA B 298 34.35 -18.99 5.55
C ALA B 298 33.36 -19.36 6.63
N ILE B 299 33.44 -20.59 7.15
CA ILE B 299 32.59 -20.98 8.27
C ILE B 299 32.79 -20.01 9.43
N ALA B 300 34.05 -19.74 9.78
CA ALA B 300 34.31 -18.81 10.88
C ALA B 300 33.76 -17.41 10.58
N ALA B 301 33.90 -16.94 9.34
CA ALA B 301 33.46 -15.58 9.02
C ALA B 301 31.94 -15.46 9.10
N LEU B 302 31.22 -16.44 8.58
CA LEU B 302 29.76 -16.44 8.70
C LEU B 302 29.34 -16.51 10.16
N GLU B 303 30.03 -17.35 10.95
CA GLU B 303 29.71 -17.45 12.37
C GLU B 303 29.90 -16.13 13.07
N VAL B 304 30.97 -15.40 12.74
CA VAL B 304 31.18 -14.07 13.33
C VAL B 304 30.02 -13.16 12.98
N LEU B 305 29.58 -13.18 11.72
CA LEU B 305 28.47 -12.31 11.34
C LEU B 305 27.21 -12.65 12.13
N GLU B 306 26.97 -13.93 12.40
CA GLU B 306 25.76 -14.28 13.13
C GLU B 306 25.89 -14.00 14.63
N GLU B 307 27.01 -14.39 15.23
CA GLU B 307 27.17 -14.35 16.68
C GLU B 307 27.14 -12.91 17.20
N GLU B 308 27.83 -12.00 16.52
CA GLU B 308 27.93 -10.63 16.98
C GLU B 308 26.79 -9.75 16.47
N ASN B 309 25.79 -10.34 15.81
CA ASN B 309 24.59 -9.64 15.35
C ASN B 309 24.96 -8.38 14.58
N LEU B 310 25.87 -8.54 13.61
CA LEU B 310 26.40 -7.38 12.92
C LEU B 310 25.38 -6.74 11.97
N ALA B 311 24.36 -7.50 11.56
CA ALA B 311 23.32 -6.92 10.71
C ALA B 311 22.51 -5.86 11.45
N GLU B 312 22.05 -6.17 12.66
CA GLU B 312 21.27 -5.20 13.42
C GLU B 312 22.13 -3.98 13.80
N ASN B 313 23.40 -4.21 14.11
CA ASN B 313 24.32 -3.12 14.38
C ASN B 313 24.46 -2.21 13.16
N ALA B 314 24.62 -2.81 11.98
CA ALA B 314 24.74 -2.03 10.76
C ALA B 314 23.48 -1.23 10.50
N ASP B 315 22.31 -1.82 10.76
CA ASP B 315 21.06 -1.10 10.57
C ASP B 315 21.00 0.15 11.46
N LYS B 316 21.17 -0.05 12.77
CA LYS B 316 21.01 1.08 13.70
C LYS B 316 22.06 2.16 13.46
N LEU B 317 23.33 1.75 13.37
CA LEU B 317 24.36 2.76 13.22
C LEU B 317 24.36 3.39 11.83
N GLY B 318 23.85 2.70 10.81
CA GLY B 318 23.68 3.36 9.53
C GLY B 318 22.60 4.41 9.57
N ILE B 319 21.53 4.16 10.33
CA ILE B 319 20.54 5.20 10.58
C ILE B 319 21.22 6.42 11.19
N ILE B 320 22.03 6.19 12.24
CA ILE B 320 22.72 7.31 12.89
C ILE B 320 23.63 8.04 11.90
N LEU B 321 24.39 7.28 11.11
CA LEU B 321 25.36 7.86 10.20
C LEU B 321 24.68 8.71 9.13
N ARG B 322 23.61 8.20 8.54
CA ARG B 322 22.91 8.97 7.51
C ARG B 322 22.26 10.20 8.12
N ASN B 323 21.71 10.10 9.33
CA ASN B 323 21.11 11.27 9.96
C ASN B 323 22.16 12.34 10.22
N GLU B 324 23.36 11.94 10.64
CA GLU B 324 24.40 12.94 10.88
C GLU B 324 24.91 13.52 9.56
N LEU B 325 25.03 12.68 8.52
CA LEU B 325 25.52 13.17 7.23
C LEU B 325 24.54 14.14 6.57
N MET B 326 23.25 13.96 6.82
CA MET B 326 22.29 14.89 6.23
C MET B 326 22.33 16.28 6.84
N LYS B 327 23.17 16.49 7.85
CA LYS B 327 23.34 17.83 8.41
C LYS B 327 24.36 18.66 7.64
N LEU B 328 25.20 18.03 6.81
CA LEU B 328 26.18 18.77 6.03
C LEU B 328 25.47 19.72 5.08
N PRO B 329 26.08 20.88 4.79
CA PRO B 329 25.35 21.90 4.03
C PRO B 329 25.22 21.52 2.56
N SER B 330 24.06 21.89 1.98
CA SER B 330 23.84 21.69 0.56
C SER B 330 24.94 22.30 -0.28
N ASP B 331 25.69 23.25 0.29
CA ASP B 331 26.81 23.87 -0.41
C ASP B 331 27.79 22.84 -0.95
N VAL B 332 28.14 21.85 -0.12
CA VAL B 332 29.23 20.93 -0.41
C VAL B 332 28.71 19.53 -0.71
N VAL B 333 27.80 19.02 0.12
CA VAL B 333 27.21 17.69 -0.07
C VAL B 333 25.83 17.87 -0.68
N THR B 334 25.62 17.26 -1.84
CA THR B 334 24.36 17.40 -2.58
C THR B 334 23.45 16.20 -2.44
N ALA B 335 23.91 15.11 -1.84
CA ALA B 335 23.10 13.91 -1.69
C ALA B 335 23.72 12.99 -0.65
N VAL B 336 22.88 12.34 0.14
CA VAL B 336 23.29 11.28 1.06
C VAL B 336 22.42 10.07 0.78
N ARG B 337 23.04 8.91 0.66
CA ARG B 337 22.24 7.71 0.39
C ARG B 337 22.92 6.49 1.00
N GLY B 338 22.16 5.42 1.12
CA GLY B 338 22.70 4.17 1.60
C GLY B 338 21.69 3.38 2.39
N LYS B 339 22.10 2.16 2.73
CA LYS B 339 21.35 1.27 3.59
C LYS B 339 22.32 0.61 4.55
N GLY B 340 21.90 0.46 5.80
CA GLY B 340 22.82 -0.02 6.82
C GLY B 340 24.09 0.78 6.79
N LEU B 341 25.24 0.09 6.82
CA LEU B 341 26.54 0.73 6.78
C LEU B 341 27.14 0.77 5.38
N LEU B 342 26.31 0.68 4.34
CA LEU B 342 26.76 0.95 2.96
C LEU B 342 26.18 2.31 2.60
N ASN B 343 26.99 3.37 2.71
CA ASN B 343 26.49 4.70 2.47
C ASN B 343 27.44 5.47 1.57
N ALA B 344 26.95 6.60 1.08
CA ALA B 344 27.73 7.47 0.21
C ALA B 344 27.18 8.89 0.31
N ILE B 345 28.08 9.85 0.08
CA ILE B 345 27.72 11.26 -0.08
C ILE B 345 28.19 11.73 -1.44
N VAL B 346 27.47 12.70 -2.00
CA VAL B 346 27.80 13.30 -3.28
C VAL B 346 28.32 14.71 -3.03
N ILE B 347 29.35 15.09 -3.78
CA ILE B 347 30.08 16.34 -3.55
C ILE B 347 30.05 17.17 -4.81
N LYS B 348 29.63 18.43 -4.70
CA LYS B 348 29.58 19.32 -5.84
C LYS B 348 30.99 19.74 -6.25
N GLU B 349 31.38 19.35 -7.47
CA GLU B 349 32.71 19.66 -7.95
C GLU B 349 32.86 21.14 -8.23
N THR B 350 33.97 21.71 -7.77
CA THR B 350 34.27 23.10 -8.00
C THR B 350 35.75 23.21 -8.38
N LYS B 351 36.16 24.42 -8.73
CA LYS B 351 37.58 24.71 -8.80
C LYS B 351 38.04 25.13 -7.40
N ASP B 352 37.40 24.50 -6.39
CA ASP B 352 37.71 24.68 -4.98
C ASP B 352 37.64 23.34 -4.26
N TRP B 353 36.58 22.56 -4.51
CA TRP B 353 36.32 21.29 -3.84
C TRP B 353 36.15 20.18 -4.87
N ASP B 354 36.50 18.96 -4.46
CA ASP B 354 36.18 17.73 -5.20
C ASP B 354 36.37 16.55 -4.26
N ALA B 355 35.84 15.40 -4.66
CA ALA B 355 35.84 14.24 -3.78
C ALA B 355 37.26 13.79 -3.42
N TRP B 356 38.19 13.84 -4.38
CA TRP B 356 39.54 13.37 -4.13
C TRP B 356 40.25 14.22 -3.08
N LYS B 357 40.14 15.55 -3.18
CA LYS B 357 40.77 16.41 -2.19
C LYS B 357 40.12 16.22 -0.81
N VAL B 358 38.80 16.04 -0.80
CA VAL B 358 38.10 15.73 0.45
C VAL B 358 38.69 14.48 1.08
N CYS B 359 38.92 13.42 0.28
CA CYS B 359 39.46 12.19 0.84
C CYS B 359 40.91 12.34 1.28
N LEU B 360 41.70 13.14 0.56
CA LEU B 360 43.04 13.43 1.01
C LEU B 360 43.03 14.08 2.39
N ARG B 361 42.09 15.01 2.61
CA ARG B 361 42.01 15.66 3.92
C ARG B 361 41.46 14.71 4.98
N LEU B 362 40.49 13.86 4.62
CA LEU B 362 40.02 12.82 5.54
C LEU B 362 41.19 11.96 6.01
N ARG B 363 42.03 11.54 5.07
CA ARG B 363 43.25 10.81 5.41
C ARG B 363 44.12 11.62 6.35
N ASP B 364 44.32 12.90 6.04
CA ASP B 364 45.11 13.75 6.91
C ASP B 364 44.55 13.81 8.34
N ASN B 365 43.23 13.67 8.48
CA ASN B 365 42.57 13.76 9.79
C ASN B 365 42.23 12.39 10.37
N GLY B 366 42.79 11.31 9.82
CA GLY B 366 42.70 10.01 10.45
C GLY B 366 41.56 9.11 10.00
N LEU B 367 40.98 9.35 8.82
CA LEU B 367 39.90 8.52 8.32
C LEU B 367 40.13 8.23 6.84
N LEU B 368 40.02 6.96 6.45
CA LEU B 368 40.36 6.53 5.10
C LEU B 368 39.11 6.21 4.31
N ALA B 369 38.98 6.87 3.15
CA ALA B 369 37.87 6.65 2.22
C ALA B 369 38.34 7.04 0.82
N LYS B 370 37.70 6.46 -0.19
CA LYS B 370 38.07 6.78 -1.56
C LYS B 370 36.81 7.06 -2.39
N PRO B 371 36.86 8.02 -3.31
CA PRO B 371 35.71 8.26 -4.18
C PRO B 371 35.59 7.19 -5.25
N THR B 372 34.43 7.13 -5.88
CA THR B 372 34.17 6.09 -6.85
C THR B 372 33.78 6.57 -8.24
N HIS B 373 33.16 7.73 -8.38
CA HIS B 373 32.82 8.23 -9.72
C HIS B 373 32.98 9.74 -9.77
N GLY B 374 34.14 10.22 -9.31
CA GLY B 374 34.52 11.61 -9.46
C GLY B 374 33.89 12.58 -8.49
N ASP B 375 32.86 12.17 -7.75
CA ASP B 375 32.18 13.12 -6.87
C ASP B 375 31.38 12.43 -5.78
N ILE B 376 31.56 11.11 -5.62
CA ILE B 376 30.80 10.34 -4.64
C ILE B 376 31.79 9.62 -3.74
N ILE B 377 31.70 9.89 -2.44
CA ILE B 377 32.55 9.25 -1.43
C ILE B 377 31.72 8.20 -0.71
N ARG B 378 32.21 6.97 -0.71
CA ARG B 378 31.57 5.92 0.05
C ARG B 378 32.05 5.93 1.49
N PHE B 379 31.10 5.77 2.41
CA PHE B 379 31.37 5.59 3.83
C PHE B 379 30.83 4.21 4.20
N ALA B 380 31.76 3.31 4.51
CA ALA B 380 31.43 1.90 4.77
C ALA B 380 32.45 1.33 5.74
N PRO B 381 32.30 1.65 7.03
CA PRO B 381 33.22 1.11 8.03
C PRO B 381 32.91 -0.34 8.32
N PRO B 382 33.85 -1.07 8.92
CA PRO B 382 33.55 -2.45 9.34
C PRO B 382 32.35 -2.47 10.28
N LEU B 383 31.54 -3.54 10.15
CA LEU B 383 30.30 -3.65 10.91
C LEU B 383 30.52 -3.88 12.40
N VAL B 384 31.78 -4.02 12.84
CA VAL B 384 32.07 -4.15 14.27
C VAL B 384 32.26 -2.79 14.94
N ILE B 385 32.06 -1.69 14.21
CA ILE B 385 32.25 -0.36 14.78
C ILE B 385 31.19 -0.12 15.87
N LYS B 386 31.63 0.50 16.96
CA LYS B 386 30.74 0.87 18.04
C LYS B 386 30.21 2.28 17.83
N GLU B 387 29.18 2.64 18.60
CA GLU B 387 28.52 3.92 18.38
C GLU B 387 29.46 5.09 18.63
N ASP B 388 30.24 5.05 19.71
CA ASP B 388 31.12 6.16 20.02
C ASP B 388 32.24 6.28 18.99
N GLU B 389 32.77 5.14 18.53
CA GLU B 389 33.72 5.15 17.42
C GLU B 389 33.08 5.78 16.18
N LEU B 390 31.83 5.41 15.88
CA LEU B 390 31.14 5.98 14.72
C LEU B 390 30.97 7.49 14.87
N ARG B 391 30.65 7.96 16.07
CA ARG B 391 30.44 9.40 16.26
C ARG B 391 31.75 10.16 16.17
N GLU B 392 32.84 9.57 16.66
CA GLU B 392 34.15 10.18 16.47
C GLU B 392 34.48 10.31 14.98
N SER B 393 34.25 9.25 14.22
CA SER B 393 34.47 9.33 12.78
C SER B 393 33.55 10.35 12.12
N ILE B 394 32.31 10.46 12.61
CA ILE B 394 31.37 11.43 12.06
C ILE B 394 31.86 12.86 12.27
N GLU B 395 32.39 13.13 13.46
CA GLU B 395 32.93 14.46 13.72
C GLU B 395 34.15 14.73 12.88
N ILE B 396 35.00 13.72 12.68
CA ILE B 396 36.13 13.86 11.75
C ILE B 396 35.61 14.28 10.37
N ILE B 397 34.59 13.59 9.89
CA ILE B 397 34.04 13.88 8.56
C ILE B 397 33.49 15.30 8.51
N ASN B 398 32.77 15.71 9.56
CA ASN B 398 32.14 17.03 9.55
C ASN B 398 33.19 18.14 9.55
N LYS B 399 34.18 18.04 10.44
CA LYS B 399 35.22 19.06 10.47
C LYS B 399 36.00 19.09 9.15
N THR B 400 36.25 17.93 8.55
CA THR B 400 36.96 17.92 7.27
C THR B 400 36.14 18.62 6.20
N ILE B 401 34.85 18.29 6.11
CA ILE B 401 34.00 18.87 5.08
C ILE B 401 33.91 20.38 5.24
N LEU B 402 33.81 20.85 6.49
CA LEU B 402 33.73 22.29 6.70
C LEU B 402 35.09 22.97 6.72
N SER B 403 36.18 22.23 6.60
CA SER B 403 37.49 22.86 6.44
C SER B 403 37.64 23.58 5.12
N PHE B 404 36.87 23.18 4.11
CA PHE B 404 37.05 23.69 2.75
C PHE B 404 36.36 25.04 2.52
N GLY C 1 -39.80 -34.57 -24.04
CA GLY C 1 -39.12 -35.33 -23.01
C GLY C 1 -38.41 -34.49 -21.97
N PRO C 2 -37.16 -34.12 -22.24
CA PRO C 2 -36.34 -33.48 -21.22
C PRO C 2 -36.67 -32.00 -21.07
N PRO C 3 -36.46 -31.44 -19.88
CA PRO C 3 -36.84 -30.04 -19.65
C PRO C 3 -36.01 -29.07 -20.47
N THR C 4 -36.67 -28.05 -21.01
CA THR C 4 -35.96 -26.94 -21.62
C THR C 4 -35.35 -26.05 -20.54
N SER C 5 -34.56 -25.07 -20.97
CA SER C 5 -33.98 -24.12 -20.03
C SER C 5 -35.09 -23.39 -19.28
N ASP C 6 -36.13 -22.96 -20.00
CA ASP C 6 -37.24 -22.26 -19.36
C ASP C 6 -37.96 -23.15 -18.35
N ASP C 7 -38.12 -24.43 -18.68
CA ASP C 7 -38.69 -25.39 -17.73
C ASP C 7 -37.86 -25.43 -16.45
N ILE C 8 -36.54 -25.45 -16.59
CA ILE C 8 -35.66 -25.55 -15.43
C ILE C 8 -35.78 -24.30 -14.57
N PHE C 9 -35.72 -23.12 -15.20
CA PHE C 9 -35.92 -21.87 -14.49
C PHE C 9 -37.22 -21.88 -13.70
N GLU C 10 -38.32 -22.27 -14.36
CA GLU C 10 -39.63 -22.20 -13.73
C GLU C 10 -39.74 -23.18 -12.56
N ARG C 11 -39.19 -24.39 -12.72
CA ARG C 11 -39.26 -25.35 -11.63
C ARG C 11 -38.49 -24.85 -10.40
N GLU C 12 -37.31 -24.26 -10.61
CA GLU C 12 -36.58 -23.71 -9.46
C GLU C 12 -37.34 -22.55 -8.82
N TYR C 13 -37.94 -21.69 -9.66
CA TYR C 13 -38.75 -20.60 -9.14
C TYR C 13 -39.87 -21.11 -8.25
N LYS C 14 -40.47 -22.25 -8.62
CA LYS C 14 -41.58 -22.75 -7.82
C LYS C 14 -41.13 -23.47 -6.56
N TYR C 15 -40.07 -24.29 -6.62
CA TYR C 15 -39.75 -25.16 -5.50
C TYR C 15 -38.49 -24.79 -4.73
N GLY C 16 -37.70 -23.83 -5.18
CA GLY C 16 -36.49 -23.43 -4.51
C GLY C 16 -36.62 -22.06 -3.88
N ALA C 17 -35.85 -21.82 -2.82
CA ALA C 17 -35.75 -20.47 -2.28
C ALA C 17 -35.22 -19.52 -3.35
N HIS C 18 -35.60 -18.24 -3.23
CA HIS C 18 -35.14 -17.23 -4.19
C HIS C 18 -33.95 -16.44 -3.67
N ASN C 19 -32.97 -17.09 -3.04
CA ASN C 19 -31.85 -16.33 -2.51
C ASN C 19 -30.81 -16.00 -3.59
N TYR C 20 -30.99 -16.49 -4.83
CA TYR C 20 -30.13 -16.15 -5.95
C TYR C 20 -30.98 -15.66 -7.11
N HIS C 21 -30.39 -14.79 -7.94
CA HIS C 21 -30.93 -14.46 -9.25
C HIS C 21 -29.87 -14.82 -10.29
N PRO C 22 -29.81 -16.08 -10.70
CA PRO C 22 -28.71 -16.53 -11.57
C PRO C 22 -28.82 -15.94 -12.97
N LEU C 23 -27.71 -16.02 -13.69
CA LEU C 23 -27.73 -15.75 -15.11
C LEU C 23 -28.61 -16.80 -15.80
N PRO C 24 -29.54 -16.40 -16.68
CA PRO C 24 -30.45 -17.38 -17.30
C PRO C 24 -29.75 -18.31 -18.28
N VAL C 25 -29.06 -19.32 -17.73
CA VAL C 25 -28.45 -20.39 -18.50
C VAL C 25 -28.56 -21.65 -17.67
N ALA C 26 -28.86 -22.78 -18.31
CA ALA C 26 -29.15 -24.04 -17.61
C ALA C 26 -28.19 -25.11 -18.10
N LEU C 27 -27.09 -25.30 -17.37
CA LEU C 27 -26.04 -26.22 -17.76
C LEU C 27 -26.34 -27.64 -17.28
N GLU C 28 -25.93 -28.61 -18.08
CA GLU C 28 -26.02 -30.01 -17.68
C GLU C 28 -24.71 -30.78 -17.81
N ARG C 29 -23.72 -30.26 -18.54
CA ARG C 29 -22.43 -30.95 -18.59
C ARG C 29 -21.29 -29.93 -18.49
N GLY C 30 -20.18 -30.38 -17.95
CA GLY C 30 -18.98 -29.56 -17.93
C GLY C 30 -17.72 -30.38 -18.03
N LYS C 31 -16.72 -29.86 -18.73
CA LYS C 31 -15.43 -30.54 -18.85
C LYS C 31 -14.36 -29.50 -19.10
N GLY C 32 -13.35 -29.48 -18.24
CA GLY C 32 -12.28 -28.50 -18.43
C GLY C 32 -12.83 -27.08 -18.35
N ILE C 33 -12.55 -26.29 -19.40
CA ILE C 33 -13.01 -24.91 -19.43
C ILE C 33 -14.44 -24.76 -19.94
N TYR C 34 -15.09 -25.85 -20.35
CA TYR C 34 -16.33 -25.74 -21.11
C TYR C 34 -17.54 -26.23 -20.33
N LEU C 35 -18.68 -25.60 -20.61
CA LEU C 35 -19.98 -26.02 -20.10
C LEU C 35 -20.95 -26.18 -21.26
N TRP C 36 -21.90 -27.10 -21.11
CA TRP C 36 -22.95 -27.36 -22.09
C TRP C 36 -24.30 -27.28 -21.41
N ASP C 37 -25.20 -26.47 -21.96
CA ASP C 37 -26.55 -26.32 -21.45
C ASP C 37 -27.46 -27.41 -22.03
N VAL C 38 -28.72 -27.43 -21.55
CA VAL C 38 -29.61 -28.53 -21.90
C VAL C 38 -30.04 -28.48 -23.37
N GLU C 39 -29.85 -27.35 -24.05
CA GLU C 39 -30.09 -27.28 -25.48
C GLU C 39 -28.88 -27.70 -26.30
N GLY C 40 -27.78 -28.09 -25.66
CA GLY C 40 -26.57 -28.52 -26.33
C GLY C 40 -25.58 -27.41 -26.66
N ARG C 41 -25.90 -26.16 -26.35
CA ARG C 41 -24.97 -25.06 -26.62
C ARG C 41 -23.74 -25.14 -25.73
N LYS C 42 -22.61 -24.67 -26.27
CA LYS C 42 -21.31 -24.76 -25.62
C LYS C 42 -20.83 -23.37 -25.21
N TYR C 43 -20.25 -23.29 -24.01
CA TYR C 43 -19.83 -22.01 -23.44
C TYR C 43 -18.47 -22.13 -22.78
N PHE C 44 -17.66 -21.08 -22.91
CA PHE C 44 -16.52 -20.88 -22.03
C PHE C 44 -17.02 -20.50 -20.64
N ASP C 45 -16.54 -21.21 -19.62
CA ASP C 45 -16.86 -20.87 -18.23
C ASP C 45 -15.84 -19.83 -17.76
N PHE C 46 -16.28 -18.58 -17.59
CA PHE C 46 -15.39 -17.53 -17.12
C PHE C 46 -15.74 -17.06 -15.71
N LEU C 47 -16.40 -17.92 -14.94
CA LEU C 47 -16.63 -17.74 -13.51
C LEU C 47 -15.98 -18.84 -12.67
N SER C 48 -15.91 -20.07 -13.19
CA SER C 48 -15.30 -21.23 -12.51
C SER C 48 -15.81 -21.40 -11.09
N SER C 49 -17.12 -21.23 -10.91
CA SER C 49 -17.74 -21.48 -9.62
C SER C 49 -17.04 -20.70 -8.51
N TYR C 50 -16.64 -19.47 -8.85
CA TYR C 50 -15.92 -18.57 -7.92
C TYR C 50 -14.56 -19.13 -7.54
N SER C 51 -13.88 -19.73 -8.52
CA SER C 51 -12.56 -20.39 -8.42
C SER C 51 -12.61 -21.76 -7.77
N ALA C 52 -13.79 -22.38 -7.61
CA ALA C 52 -13.80 -23.73 -7.07
C ALA C 52 -13.38 -24.79 -8.10
N VAL C 53 -13.52 -24.51 -9.40
CA VAL C 53 -13.06 -25.46 -10.42
C VAL C 53 -11.85 -24.90 -11.15
N ASN C 54 -10.86 -24.43 -10.38
CA ASN C 54 -9.57 -24.02 -10.96
C ASN C 54 -9.01 -25.08 -11.91
N GLN C 55 -9.15 -26.35 -11.51
CA GLN C 55 -8.67 -27.51 -12.27
C GLN C 55 -9.51 -27.83 -13.48
N GLY C 56 -10.56 -27.06 -13.74
CA GLY C 56 -11.51 -27.39 -14.77
C GLY C 56 -12.60 -28.31 -14.27
N HIS C 57 -13.73 -28.30 -14.96
CA HIS C 57 -14.85 -29.15 -14.58
C HIS C 57 -14.48 -30.60 -14.77
N CYS C 58 -14.74 -31.41 -13.75
CA CYS C 58 -14.69 -32.86 -13.85
C CYS C 58 -13.29 -33.34 -14.24
N HIS C 59 -12.29 -32.89 -13.50
CA HIS C 59 -10.92 -33.26 -13.84
C HIS C 59 -10.74 -34.77 -13.63
N PRO C 60 -10.29 -35.51 -14.64
CA PRO C 60 -10.27 -36.98 -14.52
C PRO C 60 -9.50 -37.50 -13.33
N LYS C 61 -8.42 -36.85 -12.91
CA LYS C 61 -7.66 -37.35 -11.76
C LYS C 61 -8.46 -37.24 -10.47
N ILE C 62 -9.14 -36.12 -10.28
CA ILE C 62 -9.98 -35.94 -9.10
C ILE C 62 -11.20 -36.85 -9.18
N VAL C 63 -11.83 -36.92 -10.36
CA VAL C 63 -12.93 -37.86 -10.56
C VAL C 63 -12.52 -39.27 -10.17
N ASN C 64 -11.31 -39.68 -10.58
CA ASN C 64 -10.85 -41.03 -10.28
C ASN C 64 -10.63 -41.22 -8.79
N ALA C 65 -10.04 -40.23 -8.12
CA ALA C 65 -9.90 -40.33 -6.67
C ALA C 65 -11.25 -40.50 -6.00
N LEU C 66 -12.25 -39.73 -6.44
CA LEU C 66 -13.58 -39.83 -5.85
C LEU C 66 -14.19 -41.20 -6.11
N LYS C 67 -14.12 -41.68 -7.36
CA LYS C 67 -14.73 -42.96 -7.69
C LYS C 67 -14.05 -44.11 -6.97
N SER C 68 -12.72 -44.09 -6.90
CA SER C 68 -12.02 -45.16 -6.19
C SER C 68 -12.34 -45.13 -4.71
N GLN C 69 -12.44 -43.93 -4.12
CA GLN C 69 -12.71 -43.89 -2.69
C GLN C 69 -14.19 -44.06 -2.37
N VAL C 70 -15.13 -43.86 -3.30
CA VAL C 70 -16.51 -43.93 -2.81
C VAL C 70 -16.98 -45.36 -2.78
N ASP C 71 -16.49 -46.20 -3.69
CA ASP C 71 -16.51 -47.65 -3.44
C ASP C 71 -15.88 -47.96 -2.06
N LYS C 72 -15.09 -47.05 -1.48
CA LYS C 72 -14.60 -47.24 -0.13
C LYS C 72 -15.08 -46.09 0.76
N LEU C 73 -14.43 -45.99 1.93
CA LEU C 73 -15.05 -45.33 3.07
C LEU C 73 -15.36 -43.87 2.71
N THR C 74 -16.59 -43.43 3.03
CA THR C 74 -17.00 -42.05 2.84
C THR C 74 -17.15 -41.28 4.13
N LEU C 75 -17.53 -41.94 5.23
CA LEU C 75 -17.78 -41.20 6.48
C LEU C 75 -17.83 -42.15 7.66
N THR C 76 -16.91 -41.97 8.61
CA THR C 76 -16.98 -42.62 9.91
C THR C 76 -17.43 -41.67 11.00
N SER C 77 -17.42 -40.37 10.74
CA SER C 77 -17.43 -39.31 11.75
C SER C 77 -16.13 -39.34 12.53
N ARG C 78 -15.86 -38.26 13.27
CA ARG C 78 -14.62 -38.11 14.01
C ARG C 78 -14.65 -38.82 15.36
N ALA C 79 -15.75 -39.50 15.68
CA ALA C 79 -15.76 -40.38 16.84
C ALA C 79 -14.73 -41.49 16.70
N PHE C 80 -14.36 -41.82 15.46
CA PHE C 80 -13.39 -42.85 15.15
C PHE C 80 -12.34 -42.27 14.19
N TYR C 81 -11.22 -42.96 14.07
CA TYR C 81 -10.22 -42.60 13.08
C TYR C 81 -10.54 -43.28 11.74
N ASN C 82 -10.36 -42.54 10.66
CA ASN C 82 -10.29 -43.16 9.35
C ASN C 82 -8.84 -43.13 8.87
N ASN C 83 -8.52 -44.01 7.92
CA ASN C 83 -7.14 -44.18 7.51
C ASN C 83 -6.63 -43.09 6.58
N VAL C 84 -7.52 -42.27 6.00
CA VAL C 84 -7.12 -41.33 4.96
C VAL C 84 -6.76 -39.95 5.53
N LEU C 85 -7.37 -39.55 6.64
CA LEU C 85 -7.28 -38.15 7.08
C LEU C 85 -5.83 -37.74 7.37
N GLY C 86 -5.07 -38.60 8.08
CA GLY C 86 -3.69 -38.27 8.40
C GLY C 86 -2.79 -38.16 7.19
N GLU C 87 -3.02 -38.99 6.16
CA GLU C 87 -2.26 -38.86 4.93
C GLU C 87 -2.46 -37.48 4.33
N TYR C 88 -3.71 -37.04 4.25
CA TYR C 88 -4.03 -35.70 3.73
C TYR C 88 -3.43 -34.61 4.61
N GLU C 89 -3.50 -34.78 5.93
CA GLU C 89 -2.98 -33.77 6.85
C GLU C 89 -1.47 -33.59 6.68
N GLU C 90 -0.73 -34.70 6.63
CA GLU C 90 0.69 -34.62 6.39
C GLU C 90 0.98 -33.93 5.06
N TYR C 91 0.26 -34.34 4.01
CA TYR C 91 0.49 -33.78 2.68
C TYR C 91 0.28 -32.26 2.67
N ILE C 92 -0.87 -31.79 3.16
CA ILE C 92 -1.17 -30.36 3.03
C ILE C 92 -0.31 -29.52 3.96
N THR C 93 -0.02 -30.01 5.17
CA THR C 93 0.82 -29.22 6.07
C THR C 93 2.23 -29.10 5.51
N LYS C 94 2.75 -30.18 4.91
CA LYS C 94 4.08 -30.08 4.30
C LYS C 94 4.06 -29.20 3.06
N LEU C 95 2.98 -29.23 2.29
CA LEU C 95 2.90 -28.38 1.11
C LEU C 95 2.93 -26.90 1.48
N PHE C 96 2.20 -26.50 2.53
CA PHE C 96 2.14 -25.08 2.86
C PHE C 96 3.05 -24.67 4.02
N ASN C 97 3.73 -25.64 4.65
CA ASN C 97 4.73 -25.37 5.69
C ASN C 97 4.10 -24.75 6.95
N TYR C 98 3.07 -25.40 7.46
CA TYR C 98 2.53 -25.13 8.78
C TYR C 98 2.52 -26.44 9.55
N HIS C 99 2.58 -26.35 10.88
CA HIS C 99 2.56 -27.54 11.70
C HIS C 99 1.30 -28.38 11.45
N LYS C 100 0.13 -27.72 11.43
CA LYS C 100 -1.11 -28.48 11.53
C LYS C 100 -2.20 -27.86 10.67
N VAL C 101 -3.18 -28.71 10.36
CA VAL C 101 -4.38 -28.32 9.63
C VAL C 101 -5.59 -28.77 10.44
N LEU C 102 -6.64 -27.97 10.40
CA LEU C 102 -7.93 -28.34 10.94
C LEU C 102 -8.88 -28.44 9.75
N PRO C 103 -9.46 -29.62 9.49
CA PRO C 103 -10.31 -29.79 8.32
C PRO C 103 -11.76 -29.41 8.60
N MET C 104 -12.36 -28.70 7.65
CA MET C 104 -13.78 -28.39 7.69
C MET C 104 -14.32 -28.63 6.29
N ASN C 105 -15.55 -28.18 6.03
CA ASN C 105 -16.21 -28.46 4.75
C ASN C 105 -16.34 -27.24 3.85
N THR C 106 -16.92 -26.15 4.35
CA THR C 106 -17.18 -24.97 3.53
C THR C 106 -16.25 -23.83 3.93
N GLY C 107 -16.15 -22.84 3.05
CA GLY C 107 -15.26 -21.71 3.31
C GLY C 107 -15.62 -20.96 4.58
N VAL C 108 -16.91 -20.68 4.76
CA VAL C 108 -17.32 -19.94 5.95
C VAL C 108 -17.03 -20.76 7.22
N GLU C 109 -17.09 -22.08 7.13
CA GLU C 109 -16.72 -22.90 8.29
C GLU C 109 -15.24 -22.73 8.63
N ALA C 110 -14.40 -22.57 7.60
CA ALA C 110 -12.99 -22.28 7.89
C ALA C 110 -12.84 -20.91 8.53
N GLY C 111 -13.59 -19.92 8.04
CA GLY C 111 -13.51 -18.59 8.65
C GLY C 111 -13.97 -18.57 10.10
N GLU C 112 -15.07 -19.27 10.40
CA GLU C 112 -15.53 -19.39 11.78
C GLU C 112 -14.49 -20.09 12.64
N THR C 113 -13.87 -21.15 12.11
CA THR C 113 -12.80 -21.82 12.83
C THR C 113 -11.65 -20.86 13.13
N ALA C 114 -11.31 -20.02 12.16
CA ALA C 114 -10.19 -19.08 12.35
C ALA C 114 -10.53 -18.05 13.42
N CYS C 115 -11.79 -17.56 13.43
CA CYS C 115 -12.22 -16.61 14.45
C CYS C 115 -12.17 -17.24 15.85
N LYS C 116 -12.59 -18.51 15.94
CA LYS C 116 -12.57 -19.20 17.23
C LYS C 116 -11.14 -19.44 17.71
N LEU C 117 -10.24 -19.83 16.80
CA LEU C 117 -8.83 -19.97 17.14
C LEU C 117 -8.25 -18.64 17.60
N ALA C 118 -8.54 -17.56 16.87
CA ALA C 118 -8.02 -16.24 17.24
C ALA C 118 -8.49 -15.83 18.63
N ARG C 119 -9.78 -16.02 18.92
CA ARG C 119 -10.29 -15.63 20.23
C ARG C 119 -9.69 -16.51 21.34
N LYS C 120 -9.61 -17.82 21.11
CA LYS C 120 -9.07 -18.72 22.12
C LYS C 120 -7.60 -18.43 22.39
N TRP C 121 -6.83 -18.16 21.33
CA TRP C 121 -5.43 -17.78 21.50
C TRP C 121 -5.31 -16.43 22.19
N GLY C 122 -6.19 -15.49 21.84
CA GLY C 122 -6.16 -14.19 22.49
C GLY C 122 -6.40 -14.27 23.98
N TYR C 123 -7.29 -15.17 24.40
CA TYR C 123 -7.58 -15.26 25.83
C TYR C 123 -6.57 -16.13 26.57
N THR C 124 -6.17 -17.26 25.99
CA THR C 124 -5.37 -18.23 26.71
C THR C 124 -3.86 -18.07 26.51
N VAL C 125 -3.43 -17.40 25.45
CA VAL C 125 -2.02 -17.17 25.18
C VAL C 125 -1.65 -15.70 25.32
N LYS C 126 -2.28 -14.84 24.52
CA LYS C 126 -1.97 -13.41 24.59
C LYS C 126 -2.38 -12.81 25.92
N GLY C 127 -3.48 -13.28 26.51
CA GLY C 127 -3.89 -12.84 27.83
C GLY C 127 -5.01 -11.82 27.84
N ILE C 128 -5.72 -11.64 26.73
CA ILE C 128 -6.83 -10.70 26.70
C ILE C 128 -7.88 -11.12 27.70
N GLN C 129 -8.47 -10.14 28.37
CA GLN C 129 -9.50 -10.42 29.35
C GLN C 129 -10.73 -10.99 28.67
N LYS C 130 -11.29 -12.04 29.26
CA LYS C 130 -12.48 -12.64 28.70
C LYS C 130 -13.61 -11.61 28.61
N TYR C 131 -14.59 -12.02 27.83
CA TYR C 131 -14.76 -11.77 26.40
C TYR C 131 -14.61 -10.38 25.77
N LYS C 132 -13.40 -9.83 25.81
CA LYS C 132 -13.10 -8.54 25.22
C LYS C 132 -12.30 -8.62 23.92
N ALA C 133 -12.02 -9.82 23.42
CA ALA C 133 -11.18 -9.96 22.25
C ALA C 133 -11.86 -9.37 21.01
N LYS C 134 -11.08 -8.70 20.18
CA LYS C 134 -11.57 -8.10 18.95
C LYS C 134 -10.90 -8.76 17.75
N ILE C 135 -11.63 -8.83 16.64
CA ILE C 135 -11.06 -9.22 15.36
C ILE C 135 -11.34 -8.08 14.38
N VAL C 136 -10.30 -7.64 13.68
CA VAL C 136 -10.40 -6.52 12.73
C VAL C 136 -10.56 -7.11 11.33
N PHE C 137 -11.43 -6.49 10.53
CA PHE C 137 -11.70 -6.91 9.16
C PHE C 137 -11.56 -5.69 8.26
N ALA C 138 -11.41 -5.93 6.96
CA ALA C 138 -11.35 -4.84 6.00
C ALA C 138 -12.70 -4.65 5.34
N ALA C 139 -13.10 -3.39 5.18
CA ALA C 139 -14.31 -3.07 4.44
C ALA C 139 -14.26 -3.71 3.05
N GLY C 140 -15.41 -4.21 2.60
CA GLY C 140 -15.47 -5.00 1.38
C GLY C 140 -15.25 -6.48 1.57
N ASN C 141 -14.92 -6.93 2.78
CA ASN C 141 -14.63 -8.33 3.00
C ASN C 141 -15.86 -9.20 2.75
N PHE C 142 -15.60 -10.40 2.25
CA PHE C 142 -16.63 -11.44 2.14
C PHE C 142 -16.01 -12.74 2.59
N TRP C 143 -16.59 -13.35 3.63
CA TRP C 143 -16.11 -14.68 4.00
C TRP C 143 -17.24 -15.66 4.29
N GLY C 144 -18.46 -15.38 3.84
CA GLY C 144 -19.54 -16.34 3.98
C GLY C 144 -20.82 -15.66 4.43
N ARG C 145 -21.81 -16.48 4.77
CA ARG C 145 -23.16 -16.01 5.05
C ARG C 145 -23.70 -16.42 6.41
N THR C 146 -22.87 -16.99 7.29
CA THR C 146 -23.31 -17.19 8.67
C THR C 146 -23.58 -15.83 9.32
N LEU C 147 -24.27 -15.85 10.48
CA LEU C 147 -24.56 -14.61 11.21
C LEU C 147 -23.28 -13.87 11.56
N SER C 148 -22.25 -14.61 11.97
CA SER C 148 -20.97 -14.00 12.30
C SER C 148 -20.31 -13.42 11.05
N ALA C 149 -20.37 -14.14 9.93
CA ALA C 149 -19.71 -13.65 8.72
C ALA C 149 -20.33 -12.35 8.22
N ILE C 150 -21.66 -12.25 8.26
CA ILE C 150 -22.30 -11.03 7.78
C ILE C 150 -22.19 -9.91 8.80
N SER C 151 -21.86 -10.24 10.05
CA SER C 151 -21.66 -9.21 11.06
C SER C 151 -20.43 -8.34 10.78
N SER C 152 -19.47 -8.84 10.00
CA SER C 152 -18.29 -8.04 9.66
C SER C 152 -18.41 -7.37 8.29
N SER C 153 -19.52 -7.57 7.59
CA SER C 153 -19.62 -7.13 6.21
C SER C 153 -20.01 -5.65 6.18
N THR C 154 -19.57 -4.96 5.13
CA THR C 154 -20.00 -3.59 4.87
C THR C 154 -21.03 -3.52 3.74
N ASP C 155 -21.48 -4.68 3.25
CA ASP C 155 -22.45 -4.75 2.17
C ASP C 155 -23.84 -4.91 2.76
N PRO C 156 -24.72 -3.91 2.65
CA PRO C 156 -26.05 -4.05 3.29
C PRO C 156 -26.87 -5.22 2.78
N THR C 157 -26.70 -5.64 1.52
CA THR C 157 -27.42 -6.81 1.06
C THR C 157 -27.02 -8.05 1.86
N SER C 158 -25.81 -8.05 2.42
CA SER C 158 -25.38 -9.17 3.26
C SER C 158 -26.00 -9.13 4.65
N TYR C 159 -26.07 -7.95 5.28
CA TYR C 159 -26.43 -7.92 6.68
C TYR C 159 -27.79 -7.32 6.98
N ASP C 160 -28.34 -6.48 6.09
CA ASP C 160 -29.57 -5.79 6.41
C ASP C 160 -30.70 -6.78 6.69
N GLY C 161 -31.34 -6.61 7.84
CA GLY C 161 -32.46 -7.45 8.24
C GLY C 161 -32.09 -8.75 8.91
N PHE C 162 -30.81 -8.98 9.25
CA PHE C 162 -30.41 -10.29 9.75
C PHE C 162 -30.05 -10.27 11.24
N GLY C 163 -30.85 -9.52 12.01
CA GLY C 163 -30.96 -9.67 13.46
C GLY C 163 -29.75 -9.02 14.07
N PRO C 164 -29.67 -8.95 15.41
CA PRO C 164 -28.52 -8.26 16.01
C PRO C 164 -27.23 -9.00 15.70
N PHE C 165 -26.14 -8.26 15.61
CA PHE C 165 -24.91 -8.75 15.03
C PHE C 165 -23.88 -9.14 16.09
N MET C 166 -22.95 -10.00 15.69
CA MET C 166 -21.90 -10.49 16.57
C MET C 166 -21.02 -9.34 17.05
N PRO C 167 -20.89 -9.14 18.37
CA PRO C 167 -19.96 -8.11 18.86
C PRO C 167 -18.51 -8.53 18.65
N GLY C 168 -17.62 -7.56 18.79
CA GLY C 168 -16.19 -7.87 18.76
C GLY C 168 -15.55 -7.84 17.40
N PHE C 169 -16.25 -7.37 16.37
CA PHE C 169 -15.71 -7.26 15.02
C PHE C 169 -15.57 -5.79 14.67
N ASP C 170 -14.34 -5.34 14.40
CA ASP C 170 -14.12 -3.98 13.93
C ASP C 170 -13.79 -3.97 12.45
N ILE C 171 -14.09 -2.86 11.78
CA ILE C 171 -13.92 -2.74 10.33
C ILE C 171 -13.07 -1.52 10.03
N ILE C 172 -12.02 -1.71 9.26
CA ILE C 172 -11.19 -0.61 8.77
C ILE C 172 -11.22 -0.66 7.24
N PRO C 173 -10.81 0.41 6.57
CA PRO C 173 -10.70 0.36 5.10
C PRO C 173 -9.65 -0.65 4.66
N TYR C 174 -9.90 -1.23 3.49
CA TYR C 174 -8.93 -2.12 2.86
C TYR C 174 -7.77 -1.30 2.31
N ASN C 175 -6.62 -1.96 2.13
CA ASN C 175 -5.47 -1.37 1.43
C ASN C 175 -5.02 -0.08 2.12
N ASP C 176 -5.01 -0.11 3.47
CA ASP C 176 -4.84 1.10 4.28
C ASP C 176 -4.00 0.73 5.51
N LEU C 177 -2.69 0.86 5.38
CA LEU C 177 -1.81 0.50 6.49
C LEU C 177 -1.92 1.51 7.66
N PRO C 178 -2.04 2.82 7.40
CA PRO C 178 -2.27 3.74 8.54
C PRO C 178 -3.49 3.35 9.37
N ALA C 179 -4.57 2.92 8.71
CA ALA C 179 -5.77 2.55 9.45
C ALA C 179 -5.56 1.28 10.26
N LEU C 180 -4.81 0.32 9.72
CA LEU C 180 -4.49 -0.88 10.50
C LEU C 180 -3.64 -0.55 11.70
N GLU C 181 -2.64 0.32 11.51
CA GLU C 181 -1.78 0.71 12.62
C GLU C 181 -2.59 1.39 13.71
N ARG C 182 -3.53 2.25 13.32
CA ARG C 182 -4.42 2.87 14.31
C ARG C 182 -5.30 1.84 15.01
N ALA C 183 -5.84 0.87 14.26
CA ALA C 183 -6.72 -0.12 14.88
C ALA C 183 -5.98 -1.02 15.85
N LEU C 184 -4.71 -1.34 15.56
CA LEU C 184 -3.96 -2.27 16.41
C LEU C 184 -3.41 -1.60 17.66
N GLN C 185 -3.73 -0.33 17.92
CA GLN C 185 -3.39 0.27 19.20
C GLN C 185 -4.18 -0.34 20.35
N ASP C 186 -5.32 -0.98 20.06
CA ASP C 186 -6.13 -1.62 21.08
C ASP C 186 -5.51 -2.96 21.44
N PRO C 187 -5.02 -3.14 22.68
CA PRO C 187 -4.42 -4.43 23.05
C PRO C 187 -5.42 -5.56 23.03
N ASN C 188 -6.71 -5.27 22.96
CA ASN C 188 -7.69 -6.34 22.93
C ASN C 188 -7.88 -6.93 21.53
N VAL C 189 -7.16 -6.44 20.53
CA VAL C 189 -7.25 -7.05 19.19
C VAL C 189 -6.49 -8.37 19.21
N ALA C 190 -7.15 -9.45 18.81
CA ALA C 190 -6.49 -10.74 18.71
C ALA C 190 -6.03 -11.06 17.29
N ALA C 191 -6.70 -10.51 16.28
CA ALA C 191 -6.42 -10.90 14.90
C ALA C 191 -6.92 -9.83 13.94
N PHE C 192 -6.29 -9.82 12.76
CA PHE C 192 -6.73 -9.11 11.56
C PHE C 192 -6.96 -10.17 10.49
N MET C 193 -8.19 -10.25 9.99
CA MET C 193 -8.51 -11.17 8.90
C MET C 193 -8.68 -10.38 7.61
N VAL C 194 -8.04 -10.84 6.54
CA VAL C 194 -8.01 -10.06 5.30
C VAL C 194 -7.82 -10.99 4.11
N GLU C 195 -8.41 -10.61 2.98
CA GLU C 195 -8.19 -11.27 1.70
C GLU C 195 -7.05 -10.58 0.98
N PRO C 196 -6.06 -11.33 0.46
CA PRO C 196 -4.96 -10.69 -0.28
C PRO C 196 -5.43 -9.95 -1.52
N ILE C 197 -6.51 -10.42 -2.14
CA ILE C 197 -7.26 -9.70 -3.15
C ILE C 197 -8.72 -9.88 -2.78
N GLN C 198 -9.51 -8.82 -2.78
CA GLN C 198 -10.91 -8.95 -2.42
C GLN C 198 -11.69 -9.42 -3.65
N GLY C 199 -12.15 -10.67 -3.63
CA GLY C 199 -12.87 -11.25 -4.75
C GLY C 199 -14.26 -10.70 -4.95
N GLU C 200 -15.17 -11.00 -4.02
CA GLU C 200 -16.57 -10.59 -4.19
C GLU C 200 -16.70 -9.07 -4.25
N ALA C 201 -15.80 -8.34 -3.58
CA ALA C 201 -15.85 -6.88 -3.67
C ALA C 201 -15.58 -6.36 -5.07
N GLY C 202 -15.13 -7.22 -5.99
CA GLY C 202 -14.89 -6.78 -7.36
C GLY C 202 -13.44 -6.88 -7.77
N VAL C 203 -12.74 -7.91 -7.27
CA VAL C 203 -11.31 -8.14 -7.51
C VAL C 203 -10.53 -6.88 -7.16
N VAL C 204 -10.58 -6.49 -5.89
CA VAL C 204 -9.91 -5.28 -5.42
C VAL C 204 -8.49 -5.66 -5.03
N VAL C 205 -7.51 -5.15 -5.76
CA VAL C 205 -6.11 -5.53 -5.61
C VAL C 205 -5.42 -4.45 -4.76
N PRO C 206 -4.85 -4.79 -3.62
CA PRO C 206 -4.16 -3.77 -2.82
C PRO C 206 -2.81 -3.40 -3.41
N ASP C 207 -2.31 -2.24 -2.97
CA ASP C 207 -1.07 -1.70 -3.51
C ASP C 207 0.10 -2.63 -3.16
N PRO C 208 1.13 -2.67 -4.01
CA PRO C 208 2.34 -3.42 -3.65
C PRO C 208 2.84 -2.97 -2.28
N GLY C 209 3.26 -3.94 -1.47
CA GLY C 209 3.73 -3.66 -0.13
C GLY C 209 2.68 -3.73 0.95
N TYR C 210 1.39 -3.78 0.59
CA TYR C 210 0.34 -3.84 1.61
C TYR C 210 0.49 -5.07 2.49
N LEU C 211 0.75 -6.23 1.89
CA LEU C 211 0.81 -7.47 2.65
C LEU C 211 2.05 -7.52 3.55
N MET C 212 3.18 -7.00 3.07
CA MET C 212 4.33 -6.88 3.94
C MET C 212 4.01 -5.97 5.13
N GLY C 213 3.33 -4.85 4.88
CA GLY C 213 2.99 -3.95 5.96
C GLY C 213 2.02 -4.57 6.95
N VAL C 214 1.07 -5.36 6.45
CA VAL C 214 0.16 -6.08 7.33
C VAL C 214 0.93 -7.03 8.23
N ARG C 215 1.81 -7.85 7.62
CA ARG C 215 2.59 -8.80 8.39
C ARG C 215 3.42 -8.08 9.46
N GLU C 216 4.09 -6.99 9.07
CA GLU C 216 4.92 -6.23 10.00
C GLU C 216 4.11 -5.68 11.16
N LEU C 217 2.96 -5.06 10.85
CA LEU C 217 2.12 -4.46 11.89
C LEU C 217 1.53 -5.52 12.82
N CYS C 218 1.08 -6.66 12.28
CA CYS C 218 0.56 -7.72 13.15
C CYS C 218 1.65 -8.27 14.07
N THR C 219 2.84 -8.50 13.53
CA THR C 219 3.93 -9.00 14.38
C THR C 219 4.27 -7.99 15.47
N ARG C 220 4.38 -6.70 15.11
CA ARG C 220 4.76 -5.67 16.06
C ARG C 220 3.81 -5.61 17.25
N HIS C 221 2.52 -5.84 17.01
CA HIS C 221 1.51 -5.68 18.05
C HIS C 221 0.96 -6.99 18.57
N GLN C 222 1.60 -8.11 18.26
CA GLN C 222 1.18 -9.44 18.73
C GLN C 222 -0.28 -9.68 18.38
N VAL C 223 -0.56 -9.56 17.08
CA VAL C 223 -1.88 -9.76 16.51
C VAL C 223 -1.75 -10.84 15.44
N LEU C 224 -2.72 -11.75 15.39
CA LEU C 224 -2.65 -12.82 14.40
C LEU C 224 -3.04 -12.28 13.03
N PHE C 225 -2.22 -12.62 12.02
CA PHE C 225 -2.50 -12.31 10.62
C PHE C 225 -3.24 -13.53 10.04
N ILE C 226 -4.54 -13.35 9.74
CA ILE C 226 -5.36 -14.39 9.13
C ILE C 226 -5.57 -14.02 7.67
N ALA C 227 -5.02 -14.84 6.77
CA ALA C 227 -5.15 -14.63 5.33
C ALA C 227 -6.25 -15.55 4.81
N ASP C 228 -7.32 -14.96 4.30
CA ASP C 228 -8.40 -15.72 3.67
C ASP C 228 -8.03 -15.91 2.20
N GLU C 229 -7.56 -17.11 1.87
CA GLU C 229 -7.16 -17.47 0.53
C GLU C 229 -8.15 -18.46 -0.11
N ILE C 230 -9.40 -18.43 0.35
CA ILE C 230 -10.38 -19.41 -0.12
C ILE C 230 -10.69 -19.19 -1.59
N GLN C 231 -10.66 -17.93 -2.05
CA GLN C 231 -10.80 -17.61 -3.46
C GLN C 231 -9.48 -17.34 -4.15
N THR C 232 -8.50 -16.74 -3.47
CA THR C 232 -7.26 -16.32 -4.13
C THR C 232 -6.18 -17.39 -4.14
N GLY C 233 -6.28 -18.40 -3.30
CA GLY C 233 -5.23 -19.41 -3.22
C GLY C 233 -5.29 -20.39 -4.38
N LEU C 234 -4.43 -21.41 -4.27
CA LEU C 234 -4.47 -22.59 -5.13
C LEU C 234 -4.37 -22.23 -6.62
N ALA C 235 -3.38 -21.39 -6.95
CA ALA C 235 -2.88 -21.07 -8.27
C ALA C 235 -3.74 -20.05 -9.01
N ARG C 236 -4.91 -19.67 -8.49
CA ARG C 236 -5.80 -18.76 -9.22
C ARG C 236 -5.13 -17.44 -9.56
N THR C 237 -4.33 -16.88 -8.64
CA THR C 237 -3.65 -15.62 -8.92
C THR C 237 -2.25 -15.80 -9.48
N GLY C 238 -1.80 -17.03 -9.69
CA GLY C 238 -0.46 -17.30 -10.18
C GLY C 238 0.51 -17.81 -9.15
N ARG C 239 0.05 -18.15 -7.93
CA ARG C 239 0.88 -18.67 -6.86
C ARG C 239 0.07 -19.67 -6.03
N TRP C 240 0.79 -20.48 -5.25
CA TRP C 240 0.11 -21.37 -4.31
C TRP C 240 -0.80 -20.58 -3.37
N LEU C 241 -0.32 -19.42 -2.90
CA LEU C 241 -1.11 -18.47 -2.12
C LEU C 241 -0.82 -17.08 -2.67
N ALA C 242 -1.84 -16.24 -2.71
CA ALA C 242 -1.62 -14.87 -3.20
C ALA C 242 -0.62 -14.12 -2.32
N VAL C 243 -0.55 -14.42 -1.01
CA VAL C 243 0.45 -13.78 -0.16
C VAL C 243 1.87 -14.09 -0.62
N ASP C 244 2.05 -15.19 -1.37
CA ASP C 244 3.37 -15.51 -1.91
C ASP C 244 3.93 -14.41 -2.78
N TYR C 245 3.07 -13.54 -3.35
CA TYR C 245 3.59 -12.45 -4.17
C TYR C 245 4.47 -11.51 -3.37
N GLU C 246 4.24 -11.40 -2.06
CA GLU C 246 5.10 -10.58 -1.23
C GLU C 246 5.88 -11.40 -0.21
N ASN C 247 5.80 -12.73 -0.31
CA ASN C 247 6.61 -13.64 0.49
C ASN C 247 6.42 -13.41 1.99
N VAL C 248 5.17 -13.24 2.40
CA VAL C 248 4.83 -13.09 3.81
C VAL C 248 4.14 -14.37 4.26
N ARG C 249 4.32 -14.68 5.54
CA ARG C 249 3.75 -15.87 6.15
C ARG C 249 2.65 -15.46 7.15
N PRO C 250 1.37 -15.61 6.80
CA PRO C 250 0.33 -15.31 7.78
C PRO C 250 0.37 -16.33 8.91
N ASP C 251 -0.27 -15.94 10.02
CA ASP C 251 -0.36 -16.86 11.16
C ASP C 251 -1.38 -17.95 10.90
N ILE C 252 -2.47 -17.61 10.21
CA ILE C 252 -3.50 -18.57 9.88
C ILE C 252 -3.84 -18.41 8.41
N VAL C 253 -3.94 -19.52 7.69
CA VAL C 253 -4.31 -19.49 6.29
C VAL C 253 -5.61 -20.26 6.11
N LEU C 254 -6.56 -19.68 5.36
CA LEU C 254 -7.82 -20.35 5.05
C LEU C 254 -7.81 -20.84 3.61
N LEU C 255 -8.17 -22.10 3.40
CA LEU C 255 -8.30 -22.67 2.06
C LEU C 255 -9.69 -23.26 1.88
N GLY C 256 -10.20 -23.20 0.67
CA GLY C 256 -11.49 -23.81 0.35
C GLY C 256 -11.51 -24.34 -1.07
N LYS C 257 -12.74 -23.82 -1.59
N LYS C 257 -12.75 -23.84 -1.59
CA LYS C 257 -13.30 -23.79 -2.93
CA LYS C 257 -13.29 -23.79 -2.94
C LYS C 257 -12.57 -24.77 -3.87
C LYS C 257 -12.57 -24.77 -3.87
N ALA C 258 -11.31 -24.44 -4.46
CA ALA C 258 -10.61 -25.30 -5.40
C ALA C 258 -9.82 -26.40 -4.70
N LEU C 259 -9.84 -26.40 -3.37
CA LEU C 259 -9.21 -27.47 -2.61
C LEU C 259 -9.76 -28.84 -3.00
N SER C 260 -10.94 -28.88 -3.63
CA SER C 260 -11.56 -30.12 -4.07
C SER C 260 -11.71 -30.23 -5.57
N GLY C 261 -11.36 -29.18 -6.32
CA GLY C 261 -11.67 -29.15 -7.74
C GLY C 261 -13.16 -29.10 -8.05
N GLY C 262 -13.99 -28.80 -7.06
CA GLY C 262 -15.42 -28.72 -7.28
C GLY C 262 -16.19 -30.01 -7.07
N LEU C 263 -15.53 -31.07 -6.59
CA LEU C 263 -16.14 -32.38 -6.44
C LEU C 263 -16.64 -32.68 -5.03
N TYR C 264 -16.33 -31.82 -4.05
CA TYR C 264 -16.69 -32.09 -2.67
C TYR C 264 -16.46 -30.82 -1.85
N PRO C 265 -17.26 -30.51 -0.83
CA PRO C 265 -16.94 -29.32 -0.03
C PRO C 265 -15.85 -29.63 0.99
N VAL C 266 -14.64 -29.15 0.71
CA VAL C 266 -13.51 -29.33 1.61
C VAL C 266 -12.87 -27.96 1.88
N SER C 267 -12.64 -27.67 3.15
CA SER C 267 -11.96 -26.43 3.52
C SER C 267 -10.93 -26.75 4.61
N ALA C 268 -10.01 -25.83 4.81
CA ALA C 268 -8.86 -26.12 5.64
C ALA C 268 -8.41 -24.86 6.39
N VAL C 269 -7.98 -25.05 7.63
CA VAL C 269 -7.40 -23.98 8.43
C VAL C 269 -5.98 -24.41 8.79
N LEU C 270 -4.99 -23.66 8.31
CA LEU C 270 -3.58 -24.00 8.51
C LEU C 270 -2.95 -23.05 9.52
N CYS C 271 -2.29 -23.61 10.54
CA CYS C 271 -1.51 -22.79 11.46
C CYS C 271 -0.55 -23.67 12.26
N ASP C 272 0.31 -23.01 13.03
CA ASP C 272 1.33 -23.67 13.84
C ASP C 272 0.76 -24.07 15.21
N ASP C 273 1.54 -24.89 15.91
CA ASP C 273 1.06 -25.53 17.15
C ASP C 273 0.60 -24.52 18.19
N ASP C 274 1.33 -23.41 18.35
CA ASP C 274 1.02 -22.48 19.42
C ASP C 274 -0.35 -21.84 19.25
N ILE C 275 -0.85 -21.78 18.02
CA ILE C 275 -2.22 -21.30 17.76
C ILE C 275 -3.20 -22.46 17.74
N MET C 276 -2.92 -23.47 16.91
CA MET C 276 -3.84 -24.59 16.73
C MET C 276 -4.19 -25.28 18.04
N LEU C 277 -3.20 -25.52 18.90
CA LEU C 277 -3.45 -26.34 20.06
C LEU C 277 -4.12 -25.58 21.21
N THR C 278 -4.53 -24.34 20.99
CA THR C 278 -5.38 -23.67 21.97
C THR C 278 -6.75 -24.31 22.04
N ILE C 279 -7.16 -25.05 21.01
CA ILE C 279 -8.44 -25.73 20.97
C ILE C 279 -8.21 -27.18 21.40
N LYS C 280 -8.85 -27.57 22.47
CA LYS C 280 -8.64 -28.87 23.09
C LYS C 280 -9.72 -29.86 22.64
N PRO C 281 -9.51 -31.16 22.84
CA PRO C 281 -10.47 -32.15 22.33
C PRO C 281 -11.88 -31.89 22.85
N GLY C 282 -12.85 -31.98 21.94
CA GLY C 282 -14.24 -31.73 22.25
C GLY C 282 -14.71 -30.29 22.12
N GLU C 283 -13.82 -29.36 21.78
CA GLU C 283 -14.18 -27.94 21.78
C GLU C 283 -14.44 -27.37 20.40
N HIS C 284 -14.31 -28.17 19.33
CA HIS C 284 -14.63 -27.70 17.99
C HIS C 284 -14.70 -28.89 17.06
N GLY C 285 -15.49 -28.77 16.00
CA GLY C 285 -15.58 -29.88 15.06
C GLY C 285 -16.71 -29.72 14.08
N SER C 286 -17.01 -30.82 13.41
CA SER C 286 -17.93 -30.87 12.28
C SER C 286 -18.18 -32.33 11.91
N THR C 287 -19.43 -32.66 11.60
CA THR C 287 -19.75 -34.05 11.26
C THR C 287 -18.94 -34.55 10.07
N TYR C 288 -18.98 -33.82 8.96
CA TYR C 288 -18.31 -34.25 7.73
C TYR C 288 -16.86 -33.79 7.64
N GLY C 289 -16.41 -32.92 8.55
CA GLY C 289 -15.05 -32.44 8.49
C GLY C 289 -14.02 -33.55 8.58
N GLY C 290 -13.10 -33.60 7.61
CA GLY C 290 -12.05 -34.58 7.61
C GLY C 290 -12.44 -35.96 7.14
N ASN C 291 -13.60 -36.12 6.50
CA ASN C 291 -14.04 -37.43 6.08
C ASN C 291 -13.13 -37.99 4.99
N PRO C 292 -13.02 -39.32 4.88
CA PRO C 292 -12.04 -39.90 3.95
C PRO C 292 -12.28 -39.57 2.48
N LEU C 293 -13.54 -39.49 2.05
CA LEU C 293 -13.82 -39.19 0.65
C LEU C 293 -13.35 -37.79 0.28
N GLY C 294 -13.72 -36.78 1.07
CA GLY C 294 -13.25 -35.44 0.82
C GLY C 294 -11.73 -35.34 0.81
N CYS C 295 -11.07 -36.06 1.73
CA CYS C 295 -9.60 -36.06 1.79
C CYS C 295 -8.97 -36.62 0.52
N ARG C 296 -9.48 -37.76 0.02
CA ARG C 296 -8.93 -38.30 -1.21
C ARG C 296 -9.09 -37.31 -2.35
N VAL C 297 -10.28 -36.71 -2.45
CA VAL C 297 -10.53 -35.69 -3.47
C VAL C 297 -9.53 -34.55 -3.36
N ALA C 298 -9.29 -34.07 -2.13
CA ALA C 298 -8.43 -32.89 -1.94
C ALA C 298 -6.98 -33.21 -2.26
N ILE C 299 -6.50 -34.38 -1.83
CA ILE C 299 -5.15 -34.81 -2.23
C ILE C 299 -5.01 -34.77 -3.75
N ALA C 300 -6.01 -35.32 -4.45
CA ALA C 300 -5.93 -35.33 -5.91
C ALA C 300 -5.97 -33.92 -6.50
N ALA C 301 -6.81 -33.03 -5.95
CA ALA C 301 -6.94 -31.69 -6.51
C ALA C 301 -5.66 -30.89 -6.33
N LEU C 302 -5.02 -31.02 -5.17
CA LEU C 302 -3.73 -30.36 -4.94
C LEU C 302 -2.67 -30.93 -5.86
N GLU C 303 -2.63 -32.26 -6.00
CA GLU C 303 -1.66 -32.87 -6.91
C GLU C 303 -1.86 -32.35 -8.33
N VAL C 304 -3.11 -32.13 -8.74
CA VAL C 304 -3.35 -31.60 -10.09
C VAL C 304 -2.76 -30.20 -10.22
N LEU C 305 -3.03 -29.33 -9.23
CA LEU C 305 -2.44 -28.00 -9.28
C LEU C 305 -0.93 -28.04 -9.43
N GLU C 306 -0.28 -28.95 -8.69
CA GLU C 306 1.17 -29.05 -8.73
C GLU C 306 1.65 -29.62 -10.06
N GLU C 307 1.10 -30.77 -10.46
CA GLU C 307 1.59 -31.54 -11.60
C GLU C 307 1.48 -30.76 -12.90
N GLU C 308 0.36 -30.06 -13.10
CA GLU C 308 0.12 -29.33 -14.35
C GLU C 308 0.63 -27.90 -14.29
N ASN C 309 1.31 -27.52 -13.21
CA ASN C 309 1.90 -26.19 -13.06
C ASN C 309 0.89 -25.10 -13.42
N LEU C 310 -0.30 -25.20 -12.83
CA LEU C 310 -1.36 -24.27 -13.19
C LEU C 310 -1.09 -22.86 -12.69
N ALA C 311 -0.28 -22.70 -11.63
CA ALA C 311 0.07 -21.36 -11.17
C ALA C 311 0.82 -20.59 -12.25
N GLU C 312 1.81 -21.25 -12.87
CA GLU C 312 2.58 -20.59 -13.92
C GLU C 312 1.70 -20.24 -15.11
N ASN C 313 0.78 -21.14 -15.48
CA ASN C 313 -0.10 -20.86 -16.61
C ASN C 313 -1.00 -19.67 -16.28
N ALA C 314 -1.53 -19.63 -15.06
CA ALA C 314 -2.40 -18.51 -14.67
C ALA C 314 -1.65 -17.20 -14.70
N ASP C 315 -0.39 -17.22 -14.23
CA ASP C 315 0.43 -16.00 -14.23
C ASP C 315 0.69 -15.52 -15.65
N LYS C 316 1.13 -16.41 -16.54
CA LYS C 316 1.44 -15.98 -17.91
C LYS C 316 0.20 -15.57 -18.68
N LEU C 317 -0.93 -16.29 -18.51
CA LEU C 317 -2.10 -15.96 -19.29
C LEU C 317 -2.87 -14.76 -18.74
N GLY C 318 -2.79 -14.49 -17.44
CA GLY C 318 -3.51 -13.35 -16.88
C GLY C 318 -3.01 -12.03 -17.43
N ILE C 319 -1.69 -11.91 -17.63
CA ILE C 319 -1.17 -10.64 -18.15
C ILE C 319 -1.63 -10.45 -19.58
N ILE C 320 -1.73 -11.53 -20.37
CA ILE C 320 -2.28 -11.43 -21.71
C ILE C 320 -3.72 -10.95 -21.66
N LEU C 321 -4.53 -11.59 -20.83
CA LEU C 321 -5.93 -11.20 -20.69
C LEU C 321 -6.05 -9.73 -20.35
N ARG C 322 -5.30 -9.26 -19.35
CA ARG C 322 -5.40 -7.87 -18.91
C ARG C 322 -4.93 -6.91 -20.00
N ASN C 323 -3.79 -7.21 -20.64
CA ASN C 323 -3.30 -6.33 -21.69
C ASN C 323 -4.32 -6.19 -22.82
N GLU C 324 -4.99 -7.29 -23.17
CA GLU C 324 -5.97 -7.22 -24.25
C GLU C 324 -7.21 -6.45 -23.82
N LEU C 325 -7.71 -6.73 -22.60
CA LEU C 325 -8.87 -6.00 -22.10
C LEU C 325 -8.59 -4.51 -21.99
N MET C 326 -7.33 -4.12 -21.77
CA MET C 326 -7.09 -2.69 -21.61
C MET C 326 -7.15 -1.92 -22.92
N LYS C 327 -7.21 -2.61 -24.07
CA LYS C 327 -7.35 -1.95 -25.35
C LYS C 327 -8.78 -1.53 -25.65
N LEU C 328 -9.77 -2.04 -24.91
CA LEU C 328 -11.15 -1.65 -25.13
C LEU C 328 -11.32 -0.16 -24.87
N PRO C 329 -12.30 0.48 -25.51
CA PRO C 329 -12.41 1.94 -25.40
C PRO C 329 -12.83 2.37 -24.01
N SER C 330 -12.28 3.51 -23.58
CA SER C 330 -12.38 3.92 -22.19
C SER C 330 -13.79 4.25 -21.75
N ASP C 331 -14.72 4.52 -22.67
CA ASP C 331 -16.06 4.91 -22.29
C ASP C 331 -17.07 3.78 -22.38
N VAL C 332 -16.59 2.54 -22.43
CA VAL C 332 -17.37 1.37 -22.04
C VAL C 332 -16.70 0.63 -20.88
N VAL C 333 -15.39 0.45 -20.95
CA VAL C 333 -14.61 -0.19 -19.90
C VAL C 333 -13.76 0.89 -19.24
N THR C 334 -14.04 1.18 -17.97
CA THR C 334 -13.34 2.23 -17.26
C THR C 334 -12.15 1.74 -16.43
N ALA C 335 -12.06 0.43 -16.15
CA ALA C 335 -10.89 -0.08 -15.46
C ALA C 335 -10.77 -1.58 -15.70
N VAL C 336 -9.52 -2.04 -15.73
CA VAL C 336 -9.19 -3.47 -15.78
C VAL C 336 -8.27 -3.76 -14.61
N ARG C 337 -8.52 -4.86 -13.90
CA ARG C 337 -7.63 -5.18 -12.79
C ARG C 337 -7.61 -6.69 -12.55
N GLY C 338 -6.58 -7.13 -11.83
CA GLY C 338 -6.52 -8.50 -11.38
C GLY C 338 -5.09 -8.99 -11.24
N LYS C 339 -4.97 -10.23 -10.78
CA LYS C 339 -3.70 -10.93 -10.71
C LYS C 339 -3.90 -12.35 -11.19
N GLY C 340 -2.93 -12.87 -11.94
CA GLY C 340 -3.09 -14.20 -12.51
C GLY C 340 -4.38 -14.25 -13.31
N LEU C 341 -5.15 -15.32 -13.11
CA LEU C 341 -6.44 -15.45 -13.79
C LEU C 341 -7.63 -15.04 -12.91
N LEU C 342 -7.40 -14.16 -11.93
CA LEU C 342 -8.49 -13.51 -11.19
C LEU C 342 -8.54 -12.06 -11.66
N ASN C 343 -9.50 -11.74 -12.54
CA ASN C 343 -9.52 -10.42 -13.15
C ASN C 343 -10.94 -9.87 -13.17
N ALA C 344 -11.05 -8.58 -13.43
CA ALA C 344 -12.35 -7.93 -13.55
C ALA C 344 -12.22 -6.69 -14.41
N ILE C 345 -13.34 -6.32 -15.02
CA ILE C 345 -13.46 -5.04 -15.71
C ILE C 345 -14.61 -4.27 -15.10
N VAL C 346 -14.51 -2.95 -15.19
CA VAL C 346 -15.55 -2.04 -14.72
C VAL C 346 -16.23 -1.44 -15.94
N ILE C 347 -17.55 -1.61 -16.01
CA ILE C 347 -18.36 -1.17 -17.14
C ILE C 347 -19.01 0.15 -16.78
N LYS C 348 -18.79 1.17 -17.61
CA LYS C 348 -19.45 2.45 -17.35
C LYS C 348 -20.94 2.28 -17.57
N GLU C 349 -21.65 2.02 -16.48
CA GLU C 349 -23.10 1.91 -16.48
C GLU C 349 -23.73 3.16 -17.05
N THR C 350 -24.43 3.01 -18.18
CA THR C 350 -25.37 4.02 -18.65
C THR C 350 -26.75 3.45 -18.46
N LYS C 351 -27.43 3.14 -19.57
CA LYS C 351 -28.38 2.03 -19.61
C LYS C 351 -28.80 1.82 -21.07
N ASP C 352 -27.93 2.22 -21.99
CA ASP C 352 -27.78 1.47 -23.23
C ASP C 352 -26.99 0.20 -22.98
N TRP C 353 -26.25 0.14 -21.87
CA TRP C 353 -25.58 -1.07 -21.43
C TRP C 353 -25.30 -0.97 -19.94
N ASP C 354 -25.34 -2.11 -19.27
CA ASP C 354 -24.85 -2.29 -17.90
C ASP C 354 -24.19 -3.66 -17.84
N ALA C 355 -23.66 -4.01 -16.66
CA ALA C 355 -22.92 -5.26 -16.54
C ALA C 355 -23.81 -6.46 -16.83
N TRP C 356 -25.08 -6.41 -16.41
CA TRP C 356 -25.98 -7.54 -16.63
C TRP C 356 -26.27 -7.74 -18.12
N LYS C 357 -26.57 -6.65 -18.84
CA LYS C 357 -26.81 -6.79 -20.27
C LYS C 357 -25.57 -7.29 -21.00
N VAL C 358 -24.39 -6.79 -20.61
CA VAL C 358 -23.16 -7.28 -21.20
C VAL C 358 -23.00 -8.77 -20.96
N CYS C 359 -23.36 -9.25 -19.76
CA CYS C 359 -23.20 -10.68 -19.48
C CYS C 359 -24.24 -11.53 -20.22
N LEU C 360 -25.45 -11.00 -20.39
CA LEU C 360 -26.44 -11.71 -21.20
C LEU C 360 -25.94 -11.86 -22.63
N ARG C 361 -25.37 -10.80 -23.20
CA ARG C 361 -24.86 -10.89 -24.57
C ARG C 361 -23.61 -11.76 -24.66
N LEU C 362 -22.80 -11.78 -23.59
CA LEU C 362 -21.66 -12.70 -23.54
C LEU C 362 -22.15 -14.14 -23.58
N ARG C 363 -23.21 -14.44 -22.83
CA ARG C 363 -23.81 -15.76 -22.88
C ARG C 363 -24.31 -16.07 -24.29
N ASP C 364 -24.95 -15.08 -24.94
CA ASP C 364 -25.41 -15.26 -26.30
C ASP C 364 -24.26 -15.59 -27.26
N ASN C 365 -23.07 -15.09 -26.97
CA ASN C 365 -21.91 -15.29 -27.83
C ASN C 365 -20.99 -16.40 -27.34
N GLY C 366 -21.42 -17.19 -26.37
CA GLY C 366 -20.71 -18.39 -25.98
C GLY C 366 -19.77 -18.30 -24.78
N LEU C 367 -19.93 -17.30 -23.92
CA LEU C 367 -19.02 -17.12 -22.78
C LEU C 367 -19.83 -16.72 -21.56
N LEU C 368 -19.61 -17.40 -20.44
CA LEU C 368 -20.41 -17.25 -19.23
C LEU C 368 -19.64 -16.45 -18.19
N ALA C 369 -20.18 -15.28 -17.82
CA ALA C 369 -19.64 -14.49 -16.71
C ALA C 369 -20.80 -13.88 -15.95
N LYS C 370 -20.54 -13.45 -14.72
CA LYS C 370 -21.59 -12.82 -13.95
C LYS C 370 -21.08 -11.53 -13.31
N PRO C 371 -21.89 -10.49 -13.25
CA PRO C 371 -21.47 -9.27 -12.56
C PRO C 371 -21.35 -9.51 -11.06
N THR C 372 -20.51 -8.68 -10.43
CA THR C 372 -20.29 -8.73 -8.99
C THR C 372 -21.03 -7.64 -8.23
N HIS C 373 -20.98 -6.41 -8.70
CA HIS C 373 -21.54 -5.31 -7.93
C HIS C 373 -22.19 -4.28 -8.84
N GLY C 374 -22.95 -4.76 -9.83
CA GLY C 374 -23.73 -3.91 -10.71
C GLY C 374 -22.98 -3.37 -11.92
N ASP C 375 -21.67 -3.15 -11.80
CA ASP C 375 -20.90 -2.61 -12.92
C ASP C 375 -19.55 -3.30 -13.07
N ILE C 376 -19.28 -4.34 -12.28
CA ILE C 376 -18.03 -5.07 -12.31
C ILE C 376 -18.31 -6.45 -12.86
N ILE C 377 -17.60 -6.83 -13.92
CA ILE C 377 -17.69 -8.17 -14.48
C ILE C 377 -16.39 -8.90 -14.16
N ARG C 378 -16.50 -10.03 -13.46
CA ARG C 378 -15.35 -10.88 -13.20
C ARG C 378 -15.06 -11.77 -14.38
N PHE C 379 -13.78 -11.89 -14.72
CA PHE C 379 -13.28 -12.85 -15.70
C PHE C 379 -12.32 -13.78 -14.96
N ALA C 380 -12.74 -15.04 -14.84
CA ALA C 380 -12.01 -16.04 -14.06
C ALA C 380 -12.24 -17.41 -14.68
N PRO C 381 -11.60 -17.71 -15.80
CA PRO C 381 -11.75 -19.05 -16.41
C PRO C 381 -10.93 -20.07 -15.66
N PRO C 382 -11.20 -21.37 -15.84
CA PRO C 382 -10.37 -22.39 -15.20
C PRO C 382 -8.92 -22.25 -15.64
N LEU C 383 -8.02 -22.65 -14.75
CA LEU C 383 -6.59 -22.45 -14.96
C LEU C 383 -6.00 -23.41 -15.99
N VAL C 384 -6.76 -24.40 -16.45
CA VAL C 384 -6.30 -25.30 -17.51
C VAL C 384 -6.48 -24.70 -18.89
N ILE C 385 -7.03 -23.49 -19.00
CA ILE C 385 -7.22 -22.87 -20.29
C ILE C 385 -5.88 -22.71 -21.00
N LYS C 386 -5.90 -22.87 -22.33
CA LYS C 386 -4.72 -22.70 -23.16
C LYS C 386 -4.74 -21.33 -23.80
N GLU C 387 -3.58 -20.91 -24.32
CA GLU C 387 -3.48 -19.56 -24.86
C GLU C 387 -4.43 -19.32 -26.03
N ASP C 388 -4.56 -20.31 -26.94
CA ASP C 388 -5.45 -20.10 -28.08
C ASP C 388 -6.90 -20.04 -27.62
N GLU C 389 -7.26 -20.84 -26.61
CA GLU C 389 -8.61 -20.76 -26.04
C GLU C 389 -8.85 -19.41 -25.39
N LEU C 390 -7.84 -18.88 -24.69
CA LEU C 390 -7.96 -17.55 -24.11
C LEU C 390 -8.15 -16.49 -25.18
N ARG C 391 -7.40 -16.59 -26.28
CA ARG C 391 -7.54 -15.57 -27.32
C ARG C 391 -8.88 -15.69 -28.03
N GLU C 392 -9.43 -16.89 -28.13
CA GLU C 392 -10.78 -17.04 -28.65
C GLU C 392 -11.79 -16.37 -27.72
N SER C 393 -11.67 -16.62 -26.42
CA SER C 393 -12.54 -15.95 -25.45
C SER C 393 -12.39 -14.44 -25.52
N ILE C 394 -11.17 -13.96 -25.75
CA ILE C 394 -10.93 -12.53 -25.84
C ILE C 394 -11.62 -11.96 -27.06
N GLU C 395 -11.59 -12.68 -28.18
CA GLU C 395 -12.35 -12.24 -29.35
C GLU C 395 -13.83 -12.16 -29.04
N ILE C 396 -14.35 -13.15 -28.30
CA ILE C 396 -15.76 -13.14 -27.90
C ILE C 396 -16.07 -11.90 -27.06
N ILE C 397 -15.22 -11.62 -26.08
CA ILE C 397 -15.44 -10.47 -25.20
C ILE C 397 -15.37 -9.18 -25.99
N ASN C 398 -14.37 -9.05 -26.87
CA ASN C 398 -14.25 -7.86 -27.70
C ASN C 398 -15.51 -7.62 -28.51
N LYS C 399 -15.98 -8.65 -29.23
CA LYS C 399 -17.14 -8.45 -30.09
C LYS C 399 -18.37 -8.11 -29.26
N THR C 400 -18.55 -8.78 -28.11
CA THR C 400 -19.70 -8.49 -27.26
C THR C 400 -19.65 -7.05 -26.75
N ILE C 401 -18.52 -6.65 -26.19
CA ILE C 401 -18.38 -5.31 -25.64
C ILE C 401 -18.60 -4.26 -26.73
N LEU C 402 -17.95 -4.43 -27.87
CA LEU C 402 -18.03 -3.45 -28.95
C LEU C 402 -19.36 -3.48 -29.69
N SER C 403 -20.20 -4.49 -29.46
CA SER C 403 -21.48 -4.56 -30.17
C SER C 403 -22.55 -3.63 -29.60
N PHE C 404 -22.29 -2.97 -28.48
CA PHE C 404 -23.29 -2.10 -27.87
C PHE C 404 -23.25 -0.68 -28.43
C20 Y37 D . -10.91 23.36 3.99
C20 Y37 D . -10.48 23.67 4.06
C21 Y37 D . -12.37 22.90 3.66
C21 Y37 D . -9.86 24.44 5.26
C19 Y37 D . -13.13 22.67 4.93
C19 Y37 D . -10.68 24.09 6.49
C18 Y37 D . -10.88 23.51 5.53
C18 Y37 D . -11.55 22.73 4.68
C17 Y37 D . -12.21 23.01 6.05
C17 Y37 D . -11.85 23.26 6.06
C01 Y37 D . -13.85 24.05 7.69
C01 Y37 D . -13.67 24.07 7.63
C02 Y37 D . -14.84 23.10 8.33
C02 Y37 D . -14.68 23.10 8.25
C03 Y37 D . -14.75 22.80 9.69
C03 Y37 D . -14.63 22.82 9.61
C04 Y37 D . -13.67 23.40 10.60
C04 Y37 D . -13.56 23.40 10.54
C05 Y37 D . -15.69 21.94 10.21
C05 Y37 D . -15.57 21.96 10.14
C07 Y37 D . -16.72 21.65 8.16
C07 Y37 D . -16.59 21.67 8.10
C08 Y37 D . -17.82 21.01 7.32
C08 Y37 D . -17.69 21.02 7.26
C09 Y37 D . -15.83 22.52 7.55
C09 Y37 D . -15.69 22.52 7.48
C33 Y37 D . -12.60 21.92 2.52
C33 Y37 D . -8.34 24.52 5.26
F22 Y37 D . -10.30 24.60 6.12
F22 Y37 D . -12.57 22.27 3.91
N06 Y37 D . -16.63 21.39 9.45
N06 Y37 D . -16.51 21.41 9.38
N11 Y37 D . -12.66 23.28 7.40
N11 Y37 D . -13.23 23.63 6.33
O10 Y37 D . -15.93 22.80 6.18
O10 Y37 D . -15.80 22.78 6.11
O13 Y37 D . -11.79 25.03 12.27
O13 Y37 D . -11.77 25.07 12.29
O14 Y37 D . -13.74 24.80 10.62
O14 Y37 D . -13.69 24.79 10.61
O15 Y37 D . -12.70 27.07 11.20
O15 Y37 D . -12.72 27.08 11.19
O16 Y37 D . -11.36 25.45 9.88
O16 Y37 D . -11.32 25.50 9.89
O34 Y37 D . -13.76 21.50 2.30
O34 Y37 D . -7.68 23.71 4.56
O35 Y37 D . -11.62 21.57 1.81
O35 Y37 D . -7.72 25.38 5.94
P12 Y37 D . -12.36 25.61 11.00
P12 Y37 D . -12.33 25.64 11.00
C20 Y37 E . 35.64 -2.65 -6.16
C21 Y37 E . 34.12 -2.37 -5.94
C19 Y37 E . 33.35 -3.35 -6.79
C18 Y37 E . 35.63 -4.00 -6.94
C17 Y37 E . 34.22 -4.54 -6.79
C01 Y37 E . 33.92 -6.83 -5.99
C02 Y37 E . 32.59 -7.19 -6.67
C03 Y37 E . 32.56 -8.19 -7.64
C04 Y37 E . 33.79 -8.96 -8.11
C05 Y37 E . 31.34 -8.51 -8.20
C07 Y37 E . 30.23 -6.93 -6.97
C08 Y37 E . 28.91 -6.24 -6.60
C09 Y37 E . 31.40 -6.55 -6.33
C33 Y37 E . 33.58 -0.97 -5.81
F22 Y37 E . 36.70 -4.85 -6.87
N06 Y37 E . 30.22 -7.88 -7.87
N11 Y37 E . 33.98 -5.43 -5.70
O10 Y37 E . 31.35 -5.53 -5.37
O13 Y37 E . 36.56 -10.61 -6.10
O14 Y37 E . 34.52 -9.44 -7.05
O15 Y37 E . 36.90 -8.46 -7.31
O16 Y37 E . 36.29 -10.51 -8.56
O34 Y37 E . 34.26 0.02 -6.17
O35 Y37 E . 32.42 -0.83 -5.34
P12 Y37 E . 36.12 -9.74 -7.27
C20 Y37 F . -20.21 -15.77 -4.18
C20 Y37 F . -19.94 -15.47 -3.51
C21 Y37 F . -20.42 -17.28 -3.89
C21 Y37 F . -18.44 -15.22 -3.90
C19 Y37 F . -19.37 -17.73 -2.90
C19 Y37 F . -17.78 -16.58 -3.92
C18 Y37 F . -18.77 -15.48 -3.64
C18 Y37 F . -19.90 -16.91 -2.91
C17 Y37 F . -18.27 -16.72 -2.94
C17 Y37 F . -18.44 -17.32 -2.82
C01 Y37 F . -16.71 -17.78 -1.33
C01 Y37 F . -16.68 -18.07 -1.21
C02 Y37 F . -15.80 -17.37 -0.17
C02 Y37 F . -15.79 -17.49 -0.11
C03 Y37 F . -16.03 -17.73 1.15
C03 Y37 F . -16.00 -17.79 1.23
C04 Y37 F . -17.24 -18.57 1.57
C04 Y37 F . -17.16 -18.66 1.72
C05 Y37 F . -15.14 -17.30 2.10
C05 Y37 F . -15.14 -17.24 2.16
C07 Y37 F . -13.85 -16.20 0.55
C07 Y37 F . -13.90 -16.18 0.53
C08 Y37 F . -12.63 -15.35 0.24
C08 Y37 F . -12.72 -15.28 0.18
C09 Y37 F . -14.70 -16.59 -0.48
C09 Y37 F . -14.72 -16.69 -0.47
C33 Y37 F . -21.82 -17.89 -3.88
C33 Y37 F . -17.99 -14.11 -4.83
F22 Y37 F . -17.90 -14.68 -4.33
F22 Y37 F . -20.83 -17.83 -3.30
N06 Y37 F . -14.09 -16.55 1.80
N06 Y37 F . -14.13 -16.46 1.79
N11 Y37 F . -17.40 -16.61 -1.79
N11 Y37 F . -17.81 -17.22 -1.53
O10 Y37 F . -14.46 -16.22 -1.81
O10 Y37 F . -14.49 -16.39 -1.82
O13 Y37 F . -18.92 -20.93 2.59
O13 Y37 F . -18.93 -20.93 2.59
O14 Y37 F . -17.00 -19.90 1.22
O14 Y37 F . -16.98 -19.95 1.25
O15 Y37 F . -17.82 -22.30 0.86
O15 Y37 F . -17.85 -22.33 0.86
O16 Y37 F . -19.31 -20.42 0.22
O16 Y37 F . -19.29 -20.41 0.22
O34 Y37 F . -21.97 -19.14 -3.93
O34 Y37 F . -18.81 -13.51 -5.54
O35 Y37 F . -22.84 -17.16 -3.84
O35 Y37 F . -16.76 -13.81 -4.87
P12 Y37 F . -18.30 -20.91 1.22
P12 Y37 F . -18.30 -20.93 1.22
#